data_3PR7
#
_entry.id   3PR7
#
_cell.length_a   118.219
_cell.length_b   118.219
_cell.length_c   176.570
_cell.angle_alpha   90.000
_cell.angle_beta   90.000
_cell.angle_gamma   120.000
#
_symmetry.space_group_name_H-M   'P 63'
#
loop_
_entity.id
_entity.type
_entity.pdbx_description
1 polymer UspA1
2 water water
#
_entity_poly.entity_id   1
_entity_poly.type   'polypeptide(L)'
_entity_poly.pdbx_seq_one_letter_code
;MATTASAQKVGKATNKISGGDNNTANGTYLTIGGGDYNKTKGRYSTIGGGLFNEATNEYSTIGSGGYNKAKGRYSTIGGG
GYNEATNQYSTIGGGDNNTAKGRYSTIGGGGYNEATIENSTVGGGGYNQAKGRNSTVAGGYNNEATGTDSTIAGGRKNQA
TGKGSFAAGIDNKANADNAVALGNKNTIEGENSVAIGSNNTVKKGQQNVFILGSNTDTTNAQNGSVLLGHNTAGKAATIV
NSAEVGGLSLTGFAGASKTGNGTVSVGKKGKERQIVHVGAGEISDTSTDAVNGSQLHALATVVAKHHHHHH
;
_entity_poly.pdbx_strand_id   A,B,C
#
# COMPACT_ATOMS: atom_id res chain seq x y z
N ALA A 13 -49.13 16.59 -3.87
CA ALA A 13 -48.96 17.63 -4.92
C ALA A 13 -47.68 18.44 -4.74
N THR A 14 -46.75 17.89 -3.96
CA THR A 14 -45.45 18.52 -3.73
C THR A 14 -44.38 17.84 -4.58
N ASN A 15 -44.77 16.75 -5.24
CA ASN A 15 -43.87 15.95 -6.07
C ASN A 15 -43.79 16.46 -7.52
N LYS A 16 -42.61 16.32 -8.13
CA LYS A 16 -42.44 16.61 -9.54
C LYS A 16 -42.04 15.37 -10.33
N ILE A 17 -43.02 14.55 -10.68
CA ILE A 17 -42.76 13.36 -11.49
C ILE A 17 -43.24 13.57 -12.92
N SER A 18 -42.38 13.24 -13.88
CA SER A 18 -42.68 13.41 -15.30
C SER A 18 -41.95 12.36 -16.12
N GLY A 19 -42.40 12.17 -17.36
CA GLY A 19 -41.69 11.31 -18.31
C GLY A 19 -42.43 10.09 -18.81
N GLY A 20 -42.76 9.18 -17.91
CA GLY A 20 -43.38 7.91 -18.29
C GLY A 20 -44.70 7.66 -17.59
N ASP A 21 -45.49 6.77 -18.17
CA ASP A 21 -46.79 6.38 -17.64
C ASP A 21 -46.68 5.55 -16.35
N ASN A 22 -45.52 4.95 -16.15
CA ASN A 22 -45.32 4.01 -15.04
C ASN A 22 -44.40 4.52 -13.92
N ASN A 23 -44.02 5.80 -14.00
CA ASN A 23 -43.29 6.45 -12.92
C ASN A 23 -44.24 6.73 -11.76
N THR A 24 -43.92 6.20 -10.59
CA THR A 24 -44.78 6.35 -9.42
C THR A 24 -44.09 7.07 -8.26
N ALA A 25 -44.85 7.90 -7.57
CA ALA A 25 -44.38 8.60 -6.37
C ALA A 25 -45.32 8.34 -5.19
N ASN A 26 -44.73 8.09 -4.04
CA ASN A 26 -45.47 7.79 -2.82
C ASN A 26 -44.83 8.49 -1.62
N GLY A 27 -45.03 9.79 -1.53
CA GLY A 27 -44.45 10.61 -0.48
C GLY A 27 -44.45 12.10 -0.78
N THR A 28 -43.49 12.82 -0.19
CA THR A 28 -43.45 14.28 -0.26
C THR A 28 -42.17 14.78 -0.92
N TYR A 29 -42.31 15.80 -1.77
CA TYR A 29 -41.19 16.42 -2.49
C TYR A 29 -40.27 15.45 -3.23
N LEU A 30 -40.87 14.41 -3.80
CA LEU A 30 -40.14 13.46 -4.63
C LEU A 30 -40.01 14.00 -6.04
N THR A 31 -38.98 13.57 -6.76
CA THR A 31 -38.79 13.98 -8.15
C THR A 31 -38.28 12.84 -9.04
N ILE A 32 -38.93 12.70 -10.20
CA ILE A 32 -38.45 11.81 -11.24
C ILE A 32 -38.31 12.63 -12.53
N GLY A 33 -37.08 12.75 -13.01
CA GLY A 33 -36.76 13.59 -14.17
C GLY A 33 -37.31 13.07 -15.49
N GLY A 34 -37.49 11.76 -15.58
CA GLY A 34 -38.02 11.14 -16.79
C GLY A 34 -37.83 9.63 -16.83
N GLY A 35 -37.66 9.11 -18.04
CA GLY A 35 -37.57 7.67 -18.23
C GLY A 35 -38.90 7.00 -17.92
N ASP A 36 -38.84 5.75 -17.46
CA ASP A 36 -40.07 5.01 -17.15
C ASP A 36 -39.84 3.93 -16.08
N TYR A 37 -40.93 3.55 -15.41
CA TYR A 37 -40.95 2.48 -14.40
C TYR A 37 -40.12 2.78 -13.14
N ASN A 38 -39.90 4.06 -12.89
CA ASN A 38 -39.16 4.50 -11.71
C ASN A 38 -40.08 4.73 -10.52
N LYS A 39 -39.69 4.22 -9.36
CA LYS A 39 -40.44 4.38 -8.11
C LYS A 39 -39.72 5.31 -7.16
N THR A 40 -40.47 6.19 -6.49
CA THR A 40 -39.94 6.98 -5.39
C THR A 40 -40.87 6.89 -4.17
N LYS A 41 -40.26 6.81 -3.00
CA LYS A 41 -40.97 6.79 -1.72
C LYS A 41 -40.24 7.67 -0.73
N GLY A 42 -40.88 7.97 0.40
CA GLY A 42 -40.27 8.75 1.46
C GLY A 42 -40.40 10.24 1.24
N ARG A 43 -39.34 10.98 1.57
CA ARG A 43 -39.32 12.43 1.42
C ARG A 43 -38.02 12.92 0.79
N TYR A 44 -38.15 13.84 -0.16
CA TYR A 44 -37.01 14.54 -0.79
C TYR A 44 -36.06 13.64 -1.59
N SER A 45 -36.59 12.53 -2.10
CA SER A 45 -35.79 11.62 -2.91
C SER A 45 -35.89 11.95 -4.39
N THR A 46 -34.89 11.56 -5.16
CA THR A 46 -34.74 12.00 -6.56
C THR A 46 -34.22 10.89 -7.48
N ILE A 47 -34.86 10.77 -8.64
CA ILE A 47 -34.35 9.94 -9.74
C ILE A 47 -34.25 10.82 -10.98
N GLY A 48 -33.05 10.96 -11.51
CA GLY A 48 -32.80 11.81 -12.69
C GLY A 48 -33.50 11.32 -13.95
N GLY A 49 -33.69 10.01 -14.05
CA GLY A 49 -34.30 9.38 -15.21
C GLY A 49 -33.83 7.93 -15.30
N GLY A 50 -33.95 7.35 -16.49
CA GLY A 50 -33.52 5.97 -16.69
C GLY A 50 -34.67 4.99 -16.61
N LEU A 51 -34.38 3.79 -16.12
CA LEU A 51 -35.35 2.69 -16.16
C LEU A 51 -35.32 1.81 -14.91
N PHE A 52 -36.50 1.59 -14.32
CA PHE A 52 -36.69 0.72 -13.16
C PHE A 52 -35.83 1.05 -11.94
N ASN A 53 -35.63 2.34 -11.69
CA ASN A 53 -34.88 2.80 -10.54
C ASN A 53 -35.80 3.02 -9.34
N GLU A 54 -35.36 2.57 -8.16
CA GLU A 54 -36.11 2.75 -6.92
C GLU A 54 -35.34 3.62 -5.94
N ALA A 55 -35.86 4.80 -5.66
CA ALA A 55 -35.28 5.67 -4.64
C ALA A 55 -36.30 5.87 -3.52
N THR A 56 -36.11 5.13 -2.43
CA THR A 56 -36.99 5.24 -1.26
C THR A 56 -36.26 5.94 -0.12
N ASN A 57 -36.92 6.03 1.03
CA ASN A 57 -36.36 6.67 2.22
C ASN A 57 -36.23 8.18 2.06
N GLU A 58 -35.54 8.82 3.01
CA GLU A 58 -35.38 10.27 2.98
C GLU A 58 -34.05 10.70 2.38
N TYR A 59 -34.12 11.67 1.46
CA TYR A 59 -32.96 12.29 0.81
C TYR A 59 -32.05 11.36 0.00
N SER A 60 -32.62 10.28 -0.55
CA SER A 60 -31.84 9.38 -1.42
C SER A 60 -31.74 9.93 -2.84
N THR A 61 -30.80 9.39 -3.61
CA THR A 61 -30.45 9.92 -4.93
C THR A 61 -30.08 8.81 -5.91
N ILE A 62 -30.72 8.82 -7.09
CA ILE A 62 -30.26 8.02 -8.21
C ILE A 62 -30.09 8.93 -9.42
N GLY A 63 -28.85 9.02 -9.93
CA GLY A 63 -28.53 9.83 -11.11
C GLY A 63 -29.32 9.39 -12.33
N SER A 64 -29.22 8.10 -12.65
CA SER A 64 -29.94 7.48 -13.77
C SER A 64 -29.56 6.01 -13.91
N GLY A 65 -29.45 5.53 -15.15
CA GLY A 65 -29.15 4.13 -15.41
C GLY A 65 -30.36 3.24 -15.24
N GLY A 66 -30.12 1.97 -14.95
CA GLY A 66 -31.21 1.01 -14.84
C GLY A 66 -31.16 0.11 -13.63
N TYR A 67 -32.34 -0.21 -13.09
CA TYR A 67 -32.52 -1.22 -12.05
C TYR A 67 -31.72 -0.95 -10.78
N ASN A 68 -31.46 0.33 -10.52
CA ASN A 68 -30.74 0.73 -9.31
C ASN A 68 -31.70 0.90 -8.14
N LYS A 69 -31.23 0.61 -6.93
CA LYS A 69 -32.04 0.74 -5.74
C LYS A 69 -31.33 1.51 -4.63
N ALA A 70 -31.78 2.74 -4.41
CA ALA A 70 -31.29 3.56 -3.32
C ALA A 70 -32.34 3.62 -2.20
N LYS A 71 -32.42 2.55 -1.43
CA LYS A 71 -33.14 2.55 -0.16
C LYS A 71 -32.16 3.14 0.84
N GLY A 72 -32.57 3.39 2.07
CA GLY A 72 -31.63 3.93 3.06
C GLY A 72 -31.43 5.43 2.98
N ARG A 73 -31.28 6.05 4.15
CA ARG A 73 -31.27 7.50 4.30
C ARG A 73 -29.99 8.13 3.74
N TYR A 74 -30.16 9.15 2.90
CA TYR A 74 -29.05 9.86 2.24
C TYR A 74 -28.21 8.96 1.32
N SER A 75 -28.82 7.94 0.74
CA SER A 75 -28.14 7.06 -0.21
C SER A 75 -27.86 7.79 -1.52
N THR A 76 -26.87 7.29 -2.25
CA THR A 76 -26.52 7.84 -3.55
C THR A 76 -26.05 6.74 -4.50
N ILE A 77 -26.70 6.66 -5.66
CA ILE A 77 -26.18 5.90 -6.78
C ILE A 77 -26.05 6.84 -7.95
N GLY A 78 -24.81 7.03 -8.41
CA GLY A 78 -24.52 7.95 -9.52
C GLY A 78 -25.15 7.52 -10.84
N GLY A 79 -25.13 6.22 -11.10
CA GLY A 79 -25.67 5.65 -12.33
C GLY A 79 -25.32 4.18 -12.46
N GLY A 80 -25.18 3.72 -13.70
CA GLY A 80 -24.87 2.31 -13.96
C GLY A 80 -26.10 1.43 -13.80
N GLY A 81 -25.88 0.14 -13.60
CA GLY A 81 -26.98 -0.81 -13.51
C GLY A 81 -26.92 -1.77 -12.34
N TYR A 82 -28.10 -2.09 -11.81
CA TYR A 82 -28.29 -3.14 -10.79
C TYR A 82 -27.54 -2.89 -9.49
N ASN A 83 -27.31 -1.62 -9.19
CA ASN A 83 -26.64 -1.24 -7.95
C ASN A 83 -27.63 -1.12 -6.80
N GLU A 84 -27.17 -1.40 -5.59
CA GLU A 84 -28.00 -1.28 -4.40
C GLU A 84 -27.27 -0.56 -3.29
N ALA A 85 -27.69 0.67 -3.02
CA ALA A 85 -27.21 1.43 -1.88
C ALA A 85 -28.28 1.34 -0.79
N THR A 86 -27.93 0.62 0.28
CA THR A 86 -28.81 0.45 1.43
C THR A 86 -28.09 1.05 2.62
N ASN A 87 -28.84 1.53 3.61
CA ASN A 87 -28.24 2.02 4.85
C ASN A 87 -27.73 3.46 4.69
N GLN A 88 -27.56 4.13 5.82
CA GLN A 88 -27.28 5.56 5.87
C GLN A 88 -26.00 5.98 5.17
N TYR A 89 -26.12 7.02 4.35
CA TYR A 89 -24.98 7.68 3.71
C TYR A 89 -24.15 6.77 2.80
N SER A 90 -24.79 5.74 2.24
CA SER A 90 -24.17 4.85 1.26
C SER A 90 -23.89 5.61 -0.02
N THR A 91 -22.86 5.20 -0.73
CA THR A 91 -22.54 5.80 -2.02
C THR A 91 -22.06 4.73 -2.99
N ILE A 92 -22.70 4.69 -4.16
CA ILE A 92 -22.18 3.94 -5.29
C ILE A 92 -22.01 4.91 -6.45
N GLY A 93 -20.76 5.10 -6.88
CA GLY A 93 -20.46 6.00 -7.99
C GLY A 93 -21.15 5.57 -9.28
N GLY A 94 -21.14 4.26 -9.53
CA GLY A 94 -21.73 3.68 -10.74
C GLY A 94 -21.29 2.23 -10.89
N GLY A 95 -21.36 1.70 -12.11
CA GLY A 95 -20.90 0.35 -12.38
C GLY A 95 -22.01 -0.69 -12.41
N ASP A 96 -21.62 -1.95 -12.28
CA ASP A 96 -22.53 -3.10 -12.44
C ASP A 96 -22.64 -3.90 -11.14
N ASN A 97 -23.88 -4.05 -10.66
CA ASN A 97 -24.18 -4.94 -9.54
C ASN A 97 -23.36 -4.72 -8.28
N ASN A 98 -23.19 -3.45 -7.91
CA ASN A 98 -22.49 -3.12 -6.68
C ASN A 98 -23.46 -3.01 -5.50
N THR A 99 -23.00 -3.41 -4.33
CA THR A 99 -23.84 -3.39 -3.14
C THR A 99 -23.13 -2.69 -1.97
N ALA A 100 -23.59 -1.49 -1.65
CA ALA A 100 -23.10 -0.76 -0.48
C ALA A 100 -24.20 -0.81 0.57
N LYS A 101 -24.04 -1.67 1.58
CA LYS A 101 -25.06 -1.80 2.62
C LYS A 101 -24.57 -1.52 4.02
N GLY A 102 -23.38 -0.92 4.13
CA GLY A 102 -22.88 -0.46 5.42
C GLY A 102 -23.16 1.03 5.58
N ARG A 103 -23.15 1.50 6.82
CA ARG A 103 -23.23 2.93 7.09
C ARG A 103 -21.99 3.63 6.55
N TYR A 104 -22.20 4.74 5.85
CA TYR A 104 -21.12 5.53 5.27
C TYR A 104 -20.22 4.69 4.34
N SER A 105 -20.76 3.60 3.82
CA SER A 105 -19.98 2.73 2.92
C SER A 105 -19.90 3.34 1.52
N THR A 106 -18.86 2.97 0.79
CA THR A 106 -18.57 3.59 -0.50
C THR A 106 -18.09 2.56 -1.51
N ILE A 107 -18.66 2.62 -2.71
CA ILE A 107 -18.12 1.91 -3.86
C ILE A 107 -17.96 2.89 -5.02
N GLY A 108 -16.70 3.15 -5.40
CA GLY A 108 -16.40 4.07 -6.48
C GLY A 108 -17.05 3.67 -7.80
N GLY A 109 -16.96 2.39 -8.12
CA GLY A 109 -17.52 1.84 -9.35
C GLY A 109 -17.11 0.40 -9.55
N GLY A 110 -17.05 -0.04 -10.81
CA GLY A 110 -16.63 -1.40 -11.12
C GLY A 110 -17.79 -2.37 -11.13
N GLY A 111 -17.49 -3.66 -10.99
CA GLY A 111 -18.52 -4.69 -11.06
C GLY A 111 -18.52 -5.66 -9.89
N TYR A 112 -19.72 -5.91 -9.38
CA TYR A 112 -19.95 -6.96 -8.36
C TYR A 112 -19.13 -6.74 -7.09
N ASN A 113 -19.04 -5.49 -6.67
CA ASN A 113 -18.32 -5.13 -5.45
C ASN A 113 -19.26 -5.00 -4.26
N GLU A 114 -18.74 -5.25 -3.06
CA GLU A 114 -19.55 -5.19 -1.83
C GLU A 114 -18.83 -4.43 -0.73
N ALA A 115 -19.48 -3.37 -0.24
CA ALA A 115 -19.05 -2.67 0.96
C ALA A 115 -20.16 -2.78 2.00
N THR A 116 -19.94 -3.62 3.01
CA THR A 116 -21.05 -4.10 3.84
C THR A 116 -21.12 -3.60 5.28
N ILE A 117 -20.04 -3.02 5.80
CA ILE A 117 -20.05 -2.50 7.17
C ILE A 117 -19.70 -1.01 7.23
N GLU A 118 -19.88 -0.42 8.41
CA GLU A 118 -19.58 0.99 8.67
C GLU A 118 -18.20 1.39 8.15
N ASN A 119 -18.18 2.47 7.38
CA ASN A 119 -16.95 3.10 6.88
C ASN A 119 -16.11 2.25 5.91
N SER A 120 -16.69 1.18 5.39
CA SER A 120 -15.95 0.33 4.44
C SER A 120 -15.96 0.99 3.06
N THR A 121 -14.90 0.72 2.28
CA THR A 121 -14.74 1.34 0.97
C THR A 121 -14.21 0.38 -0.08
N VAL A 122 -14.78 0.46 -1.27
CA VAL A 122 -14.23 -0.21 -2.44
C VAL A 122 -14.04 0.83 -3.54
N GLY A 123 -12.77 1.04 -3.93
CA GLY A 123 -12.43 2.04 -4.92
C GLY A 123 -12.99 1.72 -6.29
N GLY A 124 -12.97 0.44 -6.65
CA GLY A 124 -13.46 -0.04 -7.94
C GLY A 124 -13.00 -1.46 -8.23
N GLY A 125 -12.84 -1.79 -9.50
CA GLY A 125 -12.44 -3.13 -9.91
C GLY A 125 -13.60 -4.11 -9.85
N GLY A 126 -13.27 -5.40 -9.80
CA GLY A 126 -14.29 -6.45 -9.83
C GLY A 126 -14.23 -7.44 -8.69
N TYR A 127 -15.42 -7.79 -8.19
CA TYR A 127 -15.60 -8.83 -7.17
C TYR A 127 -14.82 -8.59 -5.88
N ASN A 128 -14.72 -7.33 -5.51
CA ASN A 128 -14.04 -6.94 -4.28
C ASN A 128 -15.02 -6.83 -3.12
N GLN A 129 -14.56 -7.20 -1.93
CA GLN A 129 -15.41 -7.19 -0.75
C GLN A 129 -14.72 -6.51 0.42
N ALA A 130 -15.27 -5.38 0.84
CA ALA A 130 -14.87 -4.73 2.08
C ALA A 130 -15.93 -5.05 3.13
N LYS A 131 -15.64 -6.04 3.96
CA LYS A 131 -16.59 -6.60 4.92
C LYS A 131 -16.23 -6.25 6.37
N GLY A 132 -15.04 -5.70 6.58
CA GLY A 132 -14.60 -5.29 7.91
C GLY A 132 -14.97 -3.86 8.20
N ARG A 133 -15.10 -3.52 9.48
CA ARG A 133 -15.33 -2.13 9.84
C ARG A 133 -14.08 -1.32 9.54
N ASN A 134 -14.26 -0.20 8.85
CA ASN A 134 -13.16 0.66 8.40
C ASN A 134 -12.23 -0.03 7.39
N SER A 135 -12.71 -1.10 6.76
CA SER A 135 -11.88 -1.83 5.80
C SER A 135 -11.87 -1.13 4.45
N THR A 136 -10.84 -1.39 3.65
CA THR A 136 -10.63 -0.72 2.38
C THR A 136 -10.08 -1.69 1.35
N VAL A 137 -10.71 -1.71 0.18
CA VAL A 137 -10.11 -2.34 -1.00
C VAL A 137 -10.04 -1.26 -2.07
N ALA A 138 -8.83 -0.83 -2.39
CA ALA A 138 -8.65 0.29 -3.33
C ALA A 138 -9.12 -0.08 -4.74
N GLY A 139 -8.84 -1.31 -5.16
CA GLY A 139 -9.26 -1.80 -6.47
C GLY A 139 -8.78 -3.22 -6.72
N GLY A 140 -8.58 -3.56 -7.99
CA GLY A 140 -8.12 -4.88 -8.35
C GLY A 140 -9.27 -5.85 -8.53
N TYR A 141 -9.01 -7.12 -8.29
CA TYR A 141 -9.96 -8.18 -8.62
C TYR A 141 -10.02 -9.28 -7.58
N ASN A 142 -11.22 -9.56 -7.10
CA ASN A 142 -11.47 -10.66 -6.17
C ASN A 142 -10.68 -10.51 -4.87
N ASN A 143 -10.67 -9.30 -4.33
CA ASN A 143 -10.01 -9.03 -3.06
C ASN A 143 -11.01 -8.96 -1.91
N GLU A 144 -10.64 -9.52 -0.77
CA GLU A 144 -11.56 -9.67 0.35
C GLU A 144 -10.93 -9.20 1.67
N ALA A 145 -11.34 -8.02 2.13
CA ALA A 145 -10.87 -7.47 3.40
C ALA A 145 -11.96 -7.60 4.45
N THR A 146 -11.71 -8.42 5.46
CA THR A 146 -12.73 -8.80 6.44
C THR A 146 -12.45 -8.27 7.84
N GLY A 147 -11.18 -8.00 8.13
CA GLY A 147 -10.78 -7.55 9.46
C GLY A 147 -11.16 -6.11 9.69
N THR A 148 -11.32 -5.74 10.95
CA THR A 148 -11.47 -4.35 11.33
C THR A 148 -10.17 -3.62 10.94
N ASP A 149 -10.32 -2.48 10.27
CA ASP A 149 -9.17 -1.65 9.88
C ASP A 149 -8.24 -2.34 8.88
N SER A 150 -8.73 -3.36 8.18
CA SER A 150 -7.91 -4.09 7.21
C SER A 150 -7.82 -3.36 5.87
N THR A 151 -6.76 -3.61 5.12
CA THR A 151 -6.52 -2.93 3.86
C THR A 151 -6.02 -3.89 2.79
N ILE A 152 -6.61 -3.80 1.60
CA ILE A 152 -6.02 -4.40 0.42
C ILE A 152 -5.75 -3.27 -0.56
N ALA A 153 -4.48 -3.03 -0.82
CA ALA A 153 -4.05 -1.93 -1.68
C ALA A 153 -4.47 -2.12 -3.13
N GLY A 154 -4.50 -3.38 -3.56
CA GLY A 154 -4.88 -3.73 -4.93
C GLY A 154 -4.32 -5.09 -5.32
N GLY A 155 -4.42 -5.42 -6.60
CA GLY A 155 -3.99 -6.72 -7.08
C GLY A 155 -5.15 -7.69 -7.20
N ARG A 156 -4.84 -8.98 -7.18
CA ARG A 156 -5.84 -10.01 -7.39
C ARG A 156 -5.81 -11.10 -6.33
N LYS A 157 -7.01 -11.48 -5.87
CA LYS A 157 -7.20 -12.66 -5.01
C LYS A 157 -6.51 -12.56 -3.65
N ASN A 158 -6.54 -11.36 -3.07
CA ASN A 158 -5.98 -11.15 -1.75
C ASN A 158 -7.01 -11.33 -0.66
N GLN A 159 -6.54 -11.65 0.54
CA GLN A 159 -7.39 -11.70 1.72
C GLN A 159 -6.74 -10.94 2.85
N ALA A 160 -7.55 -10.20 3.60
CA ALA A 160 -7.06 -9.49 4.78
C ALA A 160 -8.09 -9.63 5.89
N THR A 161 -8.05 -10.78 6.56
CA THR A 161 -9.03 -11.10 7.59
C THR A 161 -8.56 -10.62 8.96
N GLY A 162 -7.29 -10.27 9.05
CA GLY A 162 -6.69 -9.82 10.31
C GLY A 162 -7.08 -8.41 10.68
N LYS A 163 -7.13 -8.14 11.98
CA LYS A 163 -7.37 -6.80 12.51
C LYS A 163 -6.22 -5.90 12.10
N GLY A 164 -6.51 -4.85 11.35
CA GLY A 164 -5.51 -3.90 10.89
C GLY A 164 -4.45 -4.49 9.97
N SER A 165 -4.81 -5.57 9.29
CA SER A 165 -3.90 -6.26 8.39
C SER A 165 -3.75 -5.51 7.07
N PHE A 166 -2.71 -5.86 6.31
CA PHE A 166 -2.44 -5.22 5.02
C PHE A 166 -1.93 -6.21 3.98
N ALA A 167 -2.55 -6.17 2.80
CA ALA A 167 -2.19 -7.06 1.70
C ALA A 167 -2.18 -6.34 0.36
N ALA A 168 -1.26 -6.74 -0.52
CA ALA A 168 -1.16 -6.23 -1.88
C ALA A 168 -0.39 -7.20 -2.77
N GLY A 169 -0.80 -7.26 -4.04
CA GLY A 169 -0.18 -8.14 -5.01
C GLY A 169 -1.14 -9.25 -5.41
N ILE A 170 -0.60 -10.44 -5.65
CA ILE A 170 -1.42 -11.57 -6.07
C ILE A 170 -1.44 -12.69 -5.03
N ASP A 171 -2.66 -13.05 -4.61
CA ASP A 171 -2.92 -14.26 -3.82
C ASP A 171 -2.29 -14.26 -2.42
N ASN A 172 -2.40 -13.14 -1.72
CA ASN A 172 -1.87 -13.04 -0.36
C ASN A 172 -2.95 -13.24 0.69
N LYS A 173 -2.54 -13.65 1.88
CA LYS A 173 -3.44 -13.78 3.01
C LYS A 173 -2.84 -13.12 4.24
N ALA A 174 -3.28 -11.88 4.50
CA ALA A 174 -2.92 -11.19 5.73
C ALA A 174 -4.00 -11.53 6.75
N ASN A 175 -3.93 -12.75 7.26
CA ASN A 175 -5.05 -13.36 8.00
C ASN A 175 -4.76 -13.62 9.48
N ALA A 176 -4.08 -12.65 10.09
CA ALA A 176 -3.87 -12.60 11.53
C ALA A 176 -3.71 -11.13 11.89
N ASP A 177 -3.75 -10.81 13.17
CA ASP A 177 -3.70 -9.41 13.57
C ASP A 177 -2.38 -8.74 13.21
N ASN A 178 -2.49 -7.55 12.62
CA ASN A 178 -1.35 -6.72 12.21
C ASN A 178 -0.46 -7.37 11.16
N ALA A 179 -1.04 -8.29 10.38
CA ALA A 179 -0.30 -9.05 9.37
C ALA A 179 -0.01 -8.20 8.14
N VAL A 180 1.23 -8.31 7.65
CA VAL A 180 1.63 -7.62 6.43
C VAL A 180 2.06 -8.67 5.39
N ALA A 181 1.29 -8.76 4.31
CA ALA A 181 1.58 -9.70 3.22
C ALA A 181 1.73 -8.93 1.90
N LEU A 182 2.96 -8.86 1.41
CA LEU A 182 3.30 -8.06 0.24
CA LEU A 182 3.31 -8.06 0.23
C LEU A 182 3.94 -8.90 -0.86
N GLY A 183 3.38 -8.83 -2.06
CA GLY A 183 3.91 -9.54 -3.20
C GLY A 183 3.00 -10.65 -3.67
N ASN A 184 3.58 -11.84 -3.82
CA ASN A 184 2.88 -12.96 -4.43
C ASN A 184 2.86 -14.20 -3.54
N LYS A 185 1.65 -14.68 -3.23
CA LYS A 185 1.45 -15.90 -2.44
C LYS A 185 2.11 -15.88 -1.05
N ASN A 186 1.90 -14.81 -0.31
CA ASN A 186 2.33 -14.74 1.07
C ASN A 186 1.14 -15.06 1.96
N THR A 187 1.27 -16.09 2.78
CA THR A 187 0.20 -16.52 3.68
C THR A 187 0.61 -16.29 5.13
N ILE A 188 -0.14 -15.45 5.82
CA ILE A 188 0.14 -15.16 7.21
C ILE A 188 -1.07 -15.43 8.07
N GLU A 189 -0.92 -16.37 8.99
CA GLU A 189 -1.97 -16.73 9.93
C GLU A 189 -1.44 -16.76 11.37
N GLY A 190 -0.22 -16.26 11.55
CA GLY A 190 0.38 -16.06 12.87
C GLY A 190 0.43 -14.59 13.25
N GLU A 191 0.16 -14.30 14.51
CA GLU A 191 0.09 -12.92 15.02
C GLU A 191 1.36 -12.14 14.79
N ASN A 192 1.19 -10.85 14.49
CA ASN A 192 2.29 -9.89 14.36
C ASN A 192 3.44 -10.42 13.52
N SER A 193 3.12 -10.87 12.31
CA SER A 193 4.12 -11.42 11.41
C SER A 193 4.09 -10.67 10.08
N VAL A 194 5.20 -10.77 9.34
CA VAL A 194 5.36 -10.05 8.08
C VAL A 194 5.98 -10.99 7.06
N ALA A 195 5.41 -10.99 5.85
CA ALA A 195 5.99 -11.71 4.72
C ALA A 195 6.01 -10.82 3.48
N ILE A 196 7.21 -10.48 3.03
CA ILE A 196 7.39 -9.68 1.82
C ILE A 196 8.22 -10.49 0.82
N GLY A 197 7.64 -10.66 -0.37
CA GLY A 197 8.27 -11.45 -1.43
C GLY A 197 7.29 -12.39 -2.09
N SER A 198 7.69 -13.65 -2.23
CA SER A 198 6.88 -14.65 -2.92
C SER A 198 6.89 -15.98 -2.20
N ASN A 199 5.77 -16.70 -2.23
CA ASN A 199 5.65 -18.06 -1.69
C ASN A 199 6.20 -18.20 -0.28
N ASN A 200 5.54 -17.55 0.67
CA ASN A 200 5.93 -17.61 2.08
C ASN A 200 4.73 -17.94 2.95
N THR A 201 4.93 -18.81 3.93
CA THR A 201 3.85 -19.19 4.83
C THR A 201 4.24 -19.04 6.29
N VAL A 202 3.41 -18.33 7.04
CA VAL A 202 3.50 -18.25 8.48
C VAL A 202 2.20 -18.82 9.03
N LYS A 203 2.29 -20.01 9.62
CA LYS A 203 1.11 -20.71 10.12
C LYS A 203 0.64 -20.18 11.47
N LYS A 204 -0.60 -20.52 11.83
CA LYS A 204 -1.15 -20.21 13.14
C LYS A 204 -0.25 -20.80 14.21
N GLY A 205 0.10 -19.99 15.21
CA GLY A 205 0.99 -20.45 16.28
C GLY A 205 2.46 -20.22 16.01
N GLN A 206 2.77 -19.62 14.86
CA GLN A 206 4.10 -19.11 14.59
C GLN A 206 4.00 -17.59 14.69
N GLN A 207 4.37 -17.06 15.84
CA GLN A 207 4.22 -15.63 16.11
C GLN A 207 5.51 -14.86 15.86
N ASN A 208 5.37 -13.56 15.58
CA ASN A 208 6.50 -12.66 15.42
C ASN A 208 7.57 -13.14 14.44
N VAL A 209 7.12 -13.60 13.29
CA VAL A 209 8.03 -14.10 12.26
C VAL A 209 8.11 -13.09 11.12
N PHE A 210 9.34 -12.80 10.68
CA PHE A 210 9.55 -11.82 9.63
C PHE A 210 10.27 -12.43 8.45
N ILE A 211 9.66 -12.32 7.28
CA ILE A 211 10.22 -12.88 6.06
C ILE A 211 10.37 -11.80 4.99
N LEU A 212 11.62 -11.54 4.62
CA LEU A 212 11.92 -10.80 3.42
C LEU A 212 12.64 -11.78 2.51
N GLY A 213 11.87 -12.45 1.66
CA GLY A 213 12.41 -13.51 0.82
C GLY A 213 11.34 -14.16 -0.03
N SER A 214 11.72 -15.27 -0.67
CA SER A 214 10.81 -16.01 -1.54
C SER A 214 11.09 -17.50 -1.45
N ASN A 215 10.04 -18.30 -1.65
CA ASN A 215 10.12 -19.76 -1.59
C ASN A 215 10.75 -20.29 -0.32
N THR A 216 10.36 -19.72 0.81
CA THR A 216 10.93 -20.09 2.09
C THR A 216 10.31 -21.36 2.64
N ASP A 217 11.07 -22.07 3.48
CA ASP A 217 10.59 -23.25 4.19
C ASP A 217 10.50 -22.93 5.68
N THR A 218 9.27 -22.78 6.17
CA THR A 218 9.03 -22.33 7.54
C THR A 218 8.53 -23.44 8.47
N THR A 219 8.77 -24.69 8.06
CA THR A 219 8.39 -25.86 8.86
C THR A 219 9.00 -25.82 10.25
N ASN A 220 10.28 -25.49 10.32
CA ASN A 220 11.04 -25.54 11.56
C ASN A 220 11.34 -24.19 12.20
N ALA A 221 10.73 -23.14 11.66
CA ALA A 221 10.88 -21.80 12.21
C ALA A 221 10.06 -21.66 13.49
N GLN A 222 10.73 -21.33 14.58
CA GLN A 222 10.07 -21.05 15.86
C GLN A 222 9.60 -19.61 15.90
N ASN A 223 8.85 -19.26 16.94
CA ASN A 223 8.43 -17.87 17.16
C ASN A 223 9.63 -16.94 17.27
N GLY A 224 9.53 -15.80 16.59
CA GLY A 224 10.59 -14.79 16.62
C GLY A 224 11.60 -14.92 15.50
N SER A 225 11.43 -15.92 14.63
CA SER A 225 12.36 -16.17 13.53
C SER A 225 12.33 -15.10 12.45
N VAL A 226 13.49 -14.88 11.85
CA VAL A 226 13.63 -13.99 10.70
C VAL A 226 14.22 -14.79 9.55
N LEU A 227 13.57 -14.71 8.40
CA LEU A 227 14.04 -15.41 7.20
C LEU A 227 14.34 -14.43 6.08
N LEU A 228 15.58 -14.47 5.59
CA LEU A 228 16.01 -13.58 4.53
C LEU A 228 16.42 -14.36 3.28
N GLY A 229 15.81 -14.03 2.15
CA GLY A 229 16.28 -14.52 0.85
C GLY A 229 15.44 -15.58 0.16
N HIS A 230 15.82 -15.85 -1.08
CA HIS A 230 15.20 -16.87 -1.90
C HIS A 230 15.65 -18.24 -1.40
N ASN A 231 14.70 -19.16 -1.23
CA ASN A 231 14.96 -20.55 -0.81
C ASN A 231 15.44 -20.73 0.65
N THR A 232 15.23 -19.72 1.48
CA THR A 232 15.71 -19.74 2.86
C THR A 232 14.82 -20.61 3.76
N ALA A 233 15.45 -21.43 4.61
CA ALA A 233 14.71 -22.30 5.54
C ALA A 233 14.90 -21.88 7.00
N GLY A 234 13.83 -22.00 7.79
CA GLY A 234 13.90 -21.75 9.22
C GLY A 234 14.61 -22.87 9.96
N LYS A 235 15.12 -22.56 11.15
CA LYS A 235 15.83 -23.55 11.96
C LYS A 235 15.57 -23.30 13.43
N ALA A 236 15.40 -24.38 14.18
CA ALA A 236 15.20 -24.31 15.63
C ALA A 236 16.46 -23.81 16.34
N ALA A 237 16.27 -22.90 17.30
CA ALA A 237 17.36 -22.38 18.10
C ALA A 237 17.93 -23.45 19.02
N THR A 238 19.26 -23.52 19.09
CA THR A 238 19.95 -24.46 19.98
C THR A 238 20.78 -23.71 21.01
N ILE A 239 20.77 -24.20 22.25
CA ILE A 239 21.59 -23.62 23.32
C ILE A 239 23.00 -24.17 23.21
N VAL A 240 23.97 -23.27 23.08
CA VAL A 240 25.38 -23.65 22.92
C VAL A 240 26.24 -22.90 23.93
N ASN A 241 26.34 -23.43 25.15
CA ASN A 241 27.16 -22.83 26.20
C ASN A 241 28.63 -23.13 26.00
N SER A 242 28.91 -24.33 25.48
CA SER A 242 30.27 -24.82 25.32
C SER A 242 30.37 -25.76 24.12
N ALA A 243 31.60 -26.18 23.81
CA ALA A 243 31.86 -27.16 22.76
C ALA A 243 33.07 -28.01 23.12
N GLU A 244 33.16 -29.20 22.52
CA GLU A 244 34.30 -30.08 22.72
C GLU A 244 34.91 -30.57 21.41
N VAL A 245 36.20 -30.30 21.24
CA VAL A 245 36.94 -30.72 20.06
C VAL A 245 38.10 -31.62 20.47
N GLY A 246 37.89 -32.93 20.36
CA GLY A 246 38.90 -33.94 20.65
C GLY A 246 39.59 -33.76 21.99
N GLY A 247 38.82 -33.86 23.07
CA GLY A 247 39.37 -33.76 24.43
C GLY A 247 39.49 -32.33 24.95
N LEU A 248 39.62 -31.38 24.03
CA LEU A 248 39.70 -29.97 24.38
C LEU A 248 38.31 -29.37 24.48
N SER A 249 38.00 -28.77 25.64
CA SER A 249 36.70 -28.15 25.86
C SER A 249 36.81 -26.62 25.84
N LEU A 250 35.83 -25.99 25.20
CA LEU A 250 35.76 -24.54 25.11
C LEU A 250 34.47 -24.06 25.78
N THR A 251 34.62 -23.40 26.92
CA THR A 251 33.48 -23.01 27.75
C THR A 251 33.31 -21.50 27.87
N GLY A 252 32.12 -21.07 28.29
CA GLY A 252 31.85 -19.68 28.62
C GLY A 252 31.33 -18.83 27.48
N PHE A 253 30.63 -19.45 26.53
CA PHE A 253 30.08 -18.74 25.38
C PHE A 253 28.99 -17.76 25.80
N ALA A 254 29.00 -16.59 25.20
CA ALA A 254 27.95 -15.59 25.41
C ALA A 254 26.87 -15.77 24.35
N GLY A 255 25.63 -15.46 24.72
CA GLY A 255 24.51 -15.55 23.80
C GLY A 255 23.92 -16.95 23.69
N ALA A 256 24.24 -17.82 24.65
CA ALA A 256 23.62 -19.13 24.75
C ALA A 256 22.28 -18.97 25.46
N SER A 257 21.35 -18.30 24.76
CA SER A 257 20.08 -17.87 25.32
C SER A 257 19.14 -19.01 25.70
N LYS A 258 18.61 -18.93 26.92
CA LYS A 258 17.68 -19.91 27.47
C LYS A 258 16.33 -19.84 26.75
N THR A 259 15.90 -18.62 26.47
CA THR A 259 14.63 -18.36 25.80
C THR A 259 14.63 -18.88 24.35
N GLY A 260 13.45 -19.20 23.84
CA GLY A 260 13.31 -19.61 22.44
C GLY A 260 12.98 -18.40 21.59
N ASN A 261 14.02 -17.71 21.11
CA ASN A 261 13.83 -16.52 20.25
C ASN A 261 13.72 -16.84 18.78
N GLY A 262 14.09 -18.05 18.38
CA GLY A 262 14.19 -18.39 16.98
C GLY A 262 15.54 -17.95 16.44
N THR A 263 15.78 -18.18 15.16
CA THR A 263 17.08 -17.86 14.56
C THR A 263 16.93 -17.11 13.25
N VAL A 264 17.85 -16.19 13.00
CA VAL A 264 17.92 -15.48 11.73
C VAL A 264 18.57 -16.41 10.70
N SER A 265 17.81 -16.74 9.65
CA SER A 265 18.29 -17.64 8.62
C SER A 265 18.57 -16.92 7.31
N VAL A 266 19.67 -17.28 6.67
CA VAL A 266 20.08 -16.63 5.40
C VAL A 266 20.13 -17.60 4.22
N GLY A 267 19.80 -18.87 4.45
CA GLY A 267 19.77 -19.86 3.39
C GLY A 267 19.10 -21.14 3.83
N LYS A 268 19.49 -22.24 3.21
CA LYS A 268 19.04 -23.56 3.64
C LYS A 268 20.19 -24.56 3.50
N LYS A 269 20.02 -25.76 4.05
CA LYS A 269 21.02 -26.81 3.97
C LYS A 269 21.34 -27.14 2.51
N GLY A 270 22.62 -26.97 2.15
CA GLY A 270 23.07 -27.18 0.78
C GLY A 270 23.12 -25.92 -0.06
N LYS A 271 22.38 -24.89 0.37
CA LYS A 271 22.33 -23.61 -0.32
C LYS A 271 22.51 -22.46 0.67
N GLU A 272 23.63 -22.50 1.37
CA GLU A 272 23.98 -21.49 2.37
C GLU A 272 24.46 -20.21 1.70
N ARG A 273 24.33 -19.08 2.39
CA ARG A 273 24.79 -17.79 1.87
C ARG A 273 25.89 -17.20 2.72
N GLN A 274 26.88 -16.60 2.05
CA GLN A 274 27.92 -15.85 2.75
C GLN A 274 27.34 -14.53 3.22
N ILE A 275 27.77 -14.07 4.39
CA ILE A 275 27.43 -12.74 4.85
C ILE A 275 28.66 -11.86 4.70
N VAL A 276 28.56 -10.85 3.84
CA VAL A 276 29.73 -10.06 3.45
C VAL A 276 29.71 -8.62 3.97
N HIS A 277 30.88 -8.00 3.98
CA HIS A 277 31.09 -6.64 4.49
C HIS A 277 30.76 -6.52 5.98
N VAL A 278 31.17 -7.52 6.76
CA VAL A 278 30.93 -7.54 8.19
C VAL A 278 32.11 -6.90 8.93
N GLY A 279 31.81 -5.89 9.74
CA GLY A 279 32.81 -5.24 10.57
C GLY A 279 33.35 -6.17 11.64
N ALA A 280 34.60 -5.95 12.04
CA ALA A 280 35.24 -6.74 13.08
C ALA A 280 34.51 -6.55 14.40
N GLY A 281 34.13 -7.67 15.02
CA GLY A 281 33.42 -7.63 16.30
C GLY A 281 34.34 -7.71 17.49
N GLU A 282 33.84 -7.27 18.64
CA GLU A 282 34.56 -7.36 19.91
C GLU A 282 35.02 -8.79 20.14
N ILE A 283 36.26 -8.97 20.60
CA ILE A 283 36.74 -10.29 21.02
C ILE A 283 36.95 -10.27 22.53
N SER A 284 35.91 -10.68 23.25
CA SER A 284 35.92 -10.75 24.71
C SER A 284 34.97 -11.86 25.16
N ASP A 285 34.99 -12.17 26.46
CA ASP A 285 34.22 -13.31 26.98
C ASP A 285 32.71 -13.05 27.08
N THR A 286 32.30 -11.81 26.89
CA THR A 286 30.88 -11.45 26.89
C THR A 286 30.41 -10.99 25.51
N SER A 287 31.33 -10.99 24.55
CA SER A 287 31.06 -10.48 23.20
C SER A 287 30.07 -11.33 22.41
N THR A 288 29.00 -10.69 21.96
CA THR A 288 28.02 -11.33 21.09
C THR A 288 28.05 -10.71 19.68
N ASP A 289 29.14 -10.00 19.39
CA ASP A 289 29.36 -9.45 18.06
C ASP A 289 29.79 -10.56 17.11
N ALA A 290 29.33 -10.51 15.87
CA ALA A 290 29.76 -11.48 14.85
C ALA A 290 31.24 -11.28 14.52
N VAL A 291 31.86 -12.34 14.03
CA VAL A 291 33.30 -12.38 13.75
C VAL A 291 33.53 -12.49 12.25
N ASN A 292 34.46 -11.69 11.72
CA ASN A 292 34.82 -11.82 10.30
C ASN A 292 36.10 -12.62 10.03
N GLY A 293 36.31 -12.97 8.76
CA GLY A 293 37.42 -13.81 8.33
C GLY A 293 38.81 -13.34 8.71
N SER A 294 39.02 -12.02 8.70
CA SER A 294 40.31 -11.44 9.07
C SER A 294 40.64 -11.67 10.54
N GLN A 295 39.60 -11.74 11.37
CA GLN A 295 39.75 -12.01 12.80
C GLN A 295 40.15 -13.46 13.04
N LEU A 296 39.50 -14.39 12.34
CA LEU A 296 39.86 -15.80 12.42
C LEU A 296 41.26 -16.04 11.82
N HIS A 297 41.56 -15.35 10.72
CA HIS A 297 42.89 -15.39 10.13
C HIS A 297 43.93 -14.96 11.16
N ALA A 298 43.70 -13.82 11.79
CA ALA A 298 44.61 -13.27 12.80
C ALA A 298 45.03 -14.34 13.80
N LEU A 299 44.07 -15.09 14.32
CA LEU A 299 44.35 -16.17 15.27
C LEU A 299 45.10 -17.34 14.62
N ALA A 300 44.70 -17.70 13.41
CA ALA A 300 45.34 -18.78 12.65
C ALA A 300 46.81 -18.50 12.37
N THR A 301 47.14 -17.22 12.14
CA THR A 301 48.52 -16.77 11.94
C THR A 301 49.41 -17.17 13.12
N VAL A 302 48.89 -16.95 14.33
CA VAL A 302 49.60 -17.30 15.56
C VAL A 302 49.79 -18.82 15.67
N VAL A 303 48.82 -19.58 15.16
CA VAL A 303 48.90 -21.06 15.18
C VAL A 303 49.96 -21.61 14.20
N ALA A 304 50.77 -20.71 13.62
CA ALA A 304 51.97 -21.13 12.89
C ALA A 304 53.19 -21.06 13.81
N ALA B 13 -34.90 34.00 -18.09
CA ALA B 13 -35.87 33.05 -18.70
C ALA B 13 -35.18 31.89 -19.43
N THR B 14 -33.90 31.67 -19.11
CA THR B 14 -33.12 30.57 -19.67
C THR B 14 -33.04 29.41 -18.67
N ASN B 15 -33.54 29.66 -17.46
CA ASN B 15 -33.48 28.69 -16.37
C ASN B 15 -34.70 27.76 -16.37
N LYS B 16 -34.47 26.51 -15.94
CA LYS B 16 -35.55 25.55 -15.74
C LYS B 16 -35.65 25.12 -14.29
N ILE B 17 -36.31 25.94 -13.48
CA ILE B 17 -36.54 25.61 -12.07
C ILE B 17 -37.98 25.20 -11.84
N SER B 18 -38.17 24.09 -11.15
CA SER B 18 -39.50 23.54 -10.87
C SER B 18 -39.49 22.77 -9.55
N GLY B 19 -40.68 22.54 -9.00
CA GLY B 19 -40.83 21.67 -7.84
C GLY B 19 -41.37 22.31 -6.59
N GLY B 20 -40.65 23.27 -6.04
CA GLY B 20 -41.00 23.90 -4.78
C GLY B 20 -41.15 25.39 -4.85
N ASP B 21 -41.86 25.96 -3.88
CA ASP B 21 -42.10 27.40 -3.80
C ASP B 21 -40.84 28.18 -3.41
N ASN B 22 -39.87 27.49 -2.83
CA ASN B 22 -38.67 28.13 -2.30
C ASN B 22 -37.38 27.83 -3.07
N ASN B 23 -37.52 27.18 -4.22
CA ASN B 23 -36.40 26.99 -5.13
C ASN B 23 -36.08 28.29 -5.86
N THR B 24 -34.86 28.78 -5.70
CA THR B 24 -34.46 30.05 -6.29
C THR B 24 -33.32 29.93 -7.29
N ALA B 25 -33.39 30.70 -8.36
CA ALA B 25 -32.34 30.77 -9.37
C ALA B 25 -31.89 32.21 -9.58
N ASN B 26 -30.58 32.39 -9.67
CA ASN B 26 -29.98 33.71 -9.84
C ASN B 26 -28.83 33.64 -10.85
N GLY B 27 -29.18 33.54 -12.13
CA GLY B 27 -28.20 33.41 -13.19
C GLY B 27 -28.78 32.88 -14.50
N THR B 28 -27.93 32.24 -15.29
CA THR B 28 -28.28 31.80 -16.65
C THR B 28 -28.20 30.29 -16.80
N TYR B 29 -29.17 29.71 -17.51
CA TYR B 29 -29.24 28.26 -17.78
C TYR B 29 -29.06 27.37 -16.56
N LEU B 30 -29.63 27.81 -15.45
CA LEU B 30 -29.65 27.04 -14.22
C LEU B 30 -30.81 26.05 -14.26
N THR B 31 -30.68 24.94 -13.52
CA THR B 31 -31.76 23.96 -13.44
C THR B 31 -31.92 23.36 -12.04
N ILE B 32 -33.17 23.31 -11.58
CA ILE B 32 -33.53 22.59 -10.36
C ILE B 32 -34.64 21.62 -10.71
N GLY B 33 -34.34 20.32 -10.56
CA GLY B 33 -35.26 19.26 -10.96
C GLY B 33 -36.51 19.15 -10.09
N GLY B 34 -36.39 19.57 -8.84
CA GLY B 34 -37.50 19.52 -7.89
C GLY B 34 -37.08 19.69 -6.45
N GLY B 35 -37.82 19.07 -5.54
CA GLY B 35 -37.60 19.25 -4.11
C GLY B 35 -37.96 20.66 -3.68
N ASP B 36 -37.28 21.15 -2.66
CA ASP B 36 -37.55 22.50 -2.14
C ASP B 36 -36.34 23.13 -1.47
N TYR B 37 -36.34 24.46 -1.41
CA TYR B 37 -35.31 25.28 -0.73
C TYR B 37 -33.92 25.17 -1.35
N ASN B 38 -33.88 24.83 -2.63
CA ASN B 38 -32.63 24.73 -3.37
C ASN B 38 -32.26 26.04 -4.05
N LYS B 39 -31.00 26.45 -3.90
CA LYS B 39 -30.50 27.68 -4.53
C LYS B 39 -29.53 27.37 -5.66
N THR B 40 -29.65 28.11 -6.76
CA THR B 40 -28.66 28.06 -7.83
C THR B 40 -28.20 29.46 -8.20
N LYS B 41 -26.92 29.60 -8.48
CA LYS B 41 -26.32 30.85 -8.92
C LYS B 41 -25.30 30.56 -10.03
N GLY B 42 -24.86 31.61 -10.71
CA GLY B 42 -23.85 31.47 -11.76
C GLY B 42 -24.44 31.09 -13.11
N ARG B 43 -23.74 30.22 -13.83
CA ARG B 43 -24.18 29.76 -15.15
C ARG B 43 -24.05 28.25 -15.30
N TYR B 44 -25.08 27.64 -15.87
CA TYR B 44 -25.08 26.21 -16.24
C TYR B 44 -24.95 25.24 -15.06
N SER B 45 -25.41 25.67 -13.89
CA SER B 45 -25.39 24.82 -12.70
C SER B 45 -26.69 24.04 -12.55
N THR B 46 -26.63 22.92 -11.83
CA THR B 46 -27.75 21.97 -11.78
C THR B 46 -27.93 21.35 -10.40
N ILE B 47 -29.18 21.27 -9.96
CA ILE B 47 -29.56 20.49 -8.79
C ILE B 47 -30.68 19.55 -9.20
N GLY B 48 -30.44 18.25 -9.07
CA GLY B 48 -31.43 17.23 -9.47
C GLY B 48 -32.71 17.27 -8.65
N GLY B 49 -32.60 17.68 -7.40
CA GLY B 49 -33.72 17.73 -6.47
C GLY B 49 -33.20 17.67 -5.05
N GLY B 50 -34.06 17.28 -4.12
CA GLY B 50 -33.67 17.17 -2.72
C GLY B 50 -34.03 18.39 -1.90
N LEU B 51 -33.20 18.72 -0.91
CA LEU B 51 -33.54 19.74 0.08
C LEU B 51 -32.34 20.59 0.51
N PHE B 52 -32.51 21.91 0.43
CA PHE B 52 -31.49 22.88 0.85
C PHE B 52 -30.12 22.72 0.20
N ASN B 53 -30.12 22.38 -1.08
CA ASN B 53 -28.88 22.26 -1.84
C ASN B 53 -28.50 23.58 -2.49
N GLU B 54 -27.23 23.94 -2.42
CA GLU B 54 -26.71 25.16 -3.04
C GLU B 54 -25.70 24.82 -4.13
N ALA B 55 -26.04 25.11 -5.39
CA ALA B 55 -25.10 24.96 -6.48
C ALA B 55 -24.85 26.33 -7.11
N THR B 56 -23.71 26.92 -6.77
CA THR B 56 -23.32 28.22 -7.31
C THR B 56 -22.17 28.04 -8.28
N ASN B 57 -21.66 29.16 -8.80
CA ASN B 57 -20.55 29.16 -9.75
C ASN B 57 -20.94 28.60 -11.12
N GLU B 58 -19.94 28.38 -11.97
CA GLU B 58 -20.20 27.89 -13.32
C GLU B 58 -20.01 26.38 -13.43
N TYR B 59 -21.00 25.73 -14.03
CA TYR B 59 -20.99 24.29 -14.34
C TYR B 59 -20.90 23.35 -13.12
N SER B 60 -21.42 23.79 -11.98
CA SER B 60 -21.44 22.93 -10.79
C SER B 60 -22.63 21.96 -10.83
N THR B 61 -22.58 20.94 -9.99
CA THR B 61 -23.54 19.83 -10.03
C THR B 61 -23.85 19.29 -8.64
N ILE B 62 -25.14 19.21 -8.32
CA ILE B 62 -25.59 18.43 -7.16
C ILE B 62 -26.66 17.42 -7.62
N GLY B 63 -26.36 16.14 -7.44
CA GLY B 63 -27.29 15.07 -7.80
C GLY B 63 -28.60 15.17 -7.04
N SER B 64 -28.50 15.23 -5.71
CA SER B 64 -29.65 15.39 -4.82
C SER B 64 -29.20 15.36 -3.35
N GLY B 65 -30.00 14.72 -2.49
CA GLY B 65 -29.72 14.70 -1.06
C GLY B 65 -30.10 16.00 -0.39
N GLY B 66 -29.45 16.28 0.73
CA GLY B 66 -29.77 17.46 1.53
C GLY B 66 -28.57 18.27 1.98
N TYR B 67 -28.76 19.59 2.03
CA TYR B 67 -27.80 20.52 2.64
C TYR B 67 -26.41 20.48 2.01
N ASN B 68 -26.34 20.08 0.74
CA ASN B 68 -25.07 20.04 0.02
C ASN B 68 -24.74 21.38 -0.60
N LYS B 69 -23.45 21.69 -0.67
CA LYS B 69 -23.00 22.96 -1.24
C LYS B 69 -21.89 22.76 -2.28
N ALA B 70 -22.26 22.94 -3.54
CA ALA B 70 -21.30 22.92 -4.63
C ALA B 70 -21.04 24.33 -5.12
N LYS B 71 -20.21 25.06 -4.38
CA LYS B 71 -19.63 26.31 -4.85
C LYS B 71 -18.42 25.88 -5.65
N GLY B 72 -17.73 26.81 -6.32
CA GLY B 72 -16.54 26.41 -7.09
C GLY B 72 -16.83 25.81 -8.46
N ARG B 73 -15.96 26.15 -9.41
CA ARG B 73 -16.16 25.89 -10.83
C ARG B 73 -16.03 24.41 -11.15
N TYR B 74 -17.04 23.87 -11.83
CA TYR B 74 -17.07 22.44 -12.21
C TYR B 74 -17.10 21.49 -11.01
N SER B 75 -17.67 21.93 -9.90
CA SER B 75 -17.84 21.09 -8.72
C SER B 75 -18.87 20.00 -8.95
N THR B 76 -18.78 18.95 -8.16
CA THR B 76 -19.73 17.85 -8.24
C THR B 76 -19.96 17.25 -6.86
N ILE B 77 -21.23 17.20 -6.46
CA ILE B 77 -21.64 16.37 -5.33
C ILE B 77 -22.71 15.41 -5.83
N GLY B 78 -22.40 14.11 -5.78
CA GLY B 78 -23.30 13.08 -6.24
C GLY B 78 -24.61 13.01 -5.46
N GLY B 79 -24.52 13.19 -4.14
CA GLY B 79 -25.66 13.11 -3.25
C GLY B 79 -25.23 13.10 -1.80
N GLY B 80 -26.02 12.46 -0.94
CA GLY B 80 -25.73 12.42 0.49
C GLY B 80 -26.11 13.71 1.18
N GLY B 81 -25.53 13.97 2.34
CA GLY B 81 -25.87 15.14 3.13
C GLY B 81 -24.69 15.95 3.66
N TYR B 82 -24.88 17.27 3.70
CA TYR B 82 -23.96 18.21 4.34
C TYR B 82 -22.54 18.21 3.74
N ASN B 83 -22.46 17.86 2.46
CA ASN B 83 -21.20 17.87 1.74
C ASN B 83 -20.88 19.25 1.18
N GLU B 84 -19.59 19.58 1.10
CA GLU B 84 -19.16 20.85 0.53
C GLU B 84 -18.03 20.65 -0.46
N ALA B 85 -18.35 20.83 -1.74
CA ALA B 85 -17.35 20.86 -2.79
C ALA B 85 -17.08 22.32 -3.13
N THR B 86 -15.89 22.79 -2.79
CA THR B 86 -15.43 24.13 -3.06
C THR B 86 -14.22 24.02 -3.96
N ASN B 87 -13.98 25.03 -4.80
CA ASN B 87 -12.77 25.05 -5.63
C ASN B 87 -12.92 24.21 -6.89
N GLN B 88 -12.09 24.50 -7.88
CA GLN B 88 -12.22 23.95 -9.22
C GLN B 88 -12.14 22.44 -9.28
N TYR B 89 -13.09 21.85 -10.01
CA TYR B 89 -13.10 20.42 -10.34
C TYR B 89 -13.11 19.50 -9.10
N SER B 90 -13.69 19.99 -8.01
CA SER B 90 -13.91 19.18 -6.82
C SER B 90 -14.92 18.09 -7.10
N THR B 91 -14.81 16.98 -6.38
CA THR B 91 -15.78 15.90 -6.51
C THR B 91 -16.04 15.27 -5.15
N ILE B 92 -17.30 15.19 -4.77
CA ILE B 92 -17.72 14.36 -3.66
C ILE B 92 -18.76 13.37 -4.18
N GLY B 93 -18.42 12.09 -4.15
CA GLY B 93 -19.34 11.04 -4.60
C GLY B 93 -20.66 11.04 -3.82
N GLY B 94 -20.54 11.22 -2.51
CA GLY B 94 -21.69 11.20 -1.60
C GLY B 94 -21.23 11.11 -0.17
N GLY B 95 -22.12 10.66 0.71
CA GLY B 95 -21.78 10.49 2.13
C GLY B 95 -22.19 11.64 3.03
N ASP B 96 -21.57 11.69 4.22
CA ASP B 96 -21.95 12.63 5.28
C ASP B 96 -20.83 13.61 5.60
N ASN B 97 -21.12 14.90 5.50
CA ASN B 97 -20.21 15.96 5.95
C ASN B 97 -18.80 15.90 5.37
N ASN B 98 -18.70 15.63 4.07
CA ASN B 98 -17.40 15.62 3.41
C ASN B 98 -17.05 16.99 2.86
N THR B 99 -15.77 17.34 2.89
CA THR B 99 -15.31 18.63 2.41
C THR B 99 -14.15 18.49 1.43
N ALA B 100 -14.43 18.74 0.16
CA ALA B 100 -13.40 18.78 -0.86
C ALA B 100 -13.19 20.24 -1.26
N LYS B 101 -12.11 20.84 -0.76
CA LYS B 101 -11.84 22.25 -1.04
C LYS B 101 -10.50 22.52 -1.72
N GLY B 102 -9.88 21.46 -2.24
CA GLY B 102 -8.68 21.60 -3.07
C GLY B 102 -9.04 21.54 -4.54
N ARG B 103 -8.17 22.07 -5.39
CA ARG B 103 -8.35 21.93 -6.82
C ARG B 103 -8.21 20.47 -7.22
N TYR B 104 -9.13 20.00 -8.06
CA TYR B 104 -9.16 18.62 -8.52
C TYR B 104 -9.19 17.61 -7.36
N SER B 105 -9.67 18.04 -6.19
CA SER B 105 -9.73 17.15 -5.03
C SER B 105 -10.92 16.20 -5.15
N THR B 106 -10.82 15.05 -4.48
CA THR B 106 -11.79 13.99 -4.63
C THR B 106 -12.10 13.32 -3.30
N ILE B 107 -13.39 13.16 -3.00
CA ILE B 107 -13.82 12.29 -1.91
C ILE B 107 -14.85 11.32 -2.44
N GLY B 108 -14.50 10.04 -2.46
CA GLY B 108 -15.39 8.99 -2.96
C GLY B 108 -16.70 8.92 -2.20
N GLY B 109 -16.61 9.03 -0.88
CA GLY B 109 -17.78 8.94 -0.02
C GLY B 109 -17.36 8.84 1.44
N GLY B 110 -18.22 8.24 2.26
CA GLY B 110 -17.94 8.10 3.69
C GLY B 110 -18.38 9.30 4.52
N GLY B 111 -17.80 9.43 5.70
CA GLY B 111 -18.21 10.47 6.63
C GLY B 111 -17.09 11.32 7.17
N TYR B 112 -17.29 12.64 7.14
CA TYR B 112 -16.40 13.62 7.77
C TYR B 112 -14.98 13.58 7.22
N ASN B 113 -14.87 13.40 5.90
CA ASN B 113 -13.58 13.36 5.23
C ASN B 113 -13.21 14.72 4.65
N GLU B 114 -11.91 14.98 4.53
CA GLU B 114 -11.42 16.25 4.02
C GLU B 114 -10.31 16.07 2.99
N ALA B 115 -10.55 16.59 1.79
CA ALA B 115 -9.51 16.69 0.76
C ALA B 115 -9.30 18.16 0.44
N THR B 116 -8.19 18.72 0.92
CA THR B 116 -8.06 20.17 1.03
C THR B 116 -7.08 20.87 0.08
N ILE B 117 -6.18 20.11 -0.54
CA ILE B 117 -5.23 20.71 -1.49
C ILE B 117 -5.31 20.09 -2.89
N GLU B 118 -4.62 20.71 -3.84
CA GLU B 118 -4.56 20.25 -5.22
C GLU B 118 -4.28 18.76 -5.34
N ASN B 119 -5.12 18.08 -6.12
CA ASN B 119 -4.95 16.65 -6.45
C ASN B 119 -5.03 15.68 -5.27
N SER B 120 -5.54 16.15 -4.13
CA SER B 120 -5.68 15.26 -2.97
C SER B 120 -6.91 14.37 -3.13
N THR B 121 -6.87 13.17 -2.54
CA THR B 121 -7.95 12.21 -2.69
C THR B 121 -8.25 11.46 -1.41
N VAL B 122 -9.54 11.28 -1.15
CA VAL B 122 -9.99 10.37 -0.10
C VAL B 122 -10.98 9.37 -0.72
N GLY B 123 -10.62 8.10 -0.66
CA GLY B 123 -11.44 7.05 -1.25
C GLY B 123 -12.77 6.88 -0.54
N GLY B 124 -12.74 7.00 0.78
CA GLY B 124 -13.92 6.82 1.61
C GLY B 124 -13.55 6.64 3.08
N GLY B 125 -14.41 5.94 3.81
CA GLY B 125 -14.20 5.74 5.24
C GLY B 125 -14.58 6.95 6.07
N GLY B 126 -14.06 7.02 7.29
CA GLY B 126 -14.42 8.08 8.22
C GLY B 126 -13.27 8.89 8.78
N TYR B 127 -13.48 10.21 8.85
CA TYR B 127 -12.55 11.15 9.49
C TYR B 127 -11.14 11.12 8.90
N ASN B 128 -11.07 10.91 7.59
CA ASN B 128 -9.80 10.90 6.88
C ASN B 128 -9.48 12.29 6.32
N GLN B 129 -8.20 12.63 6.33
CA GLN B 129 -7.74 13.94 5.86
C GLN B 129 -6.57 13.83 4.89
N ALA B 130 -6.83 14.21 3.64
CA ALA B 130 -5.76 14.38 2.66
C ALA B 130 -5.47 15.87 2.52
N LYS B 131 -4.43 16.30 3.22
CA LYS B 131 -4.08 17.72 3.35
C LYS B 131 -2.82 18.10 2.58
N GLY B 132 -2.10 17.10 2.09
CA GLY B 132 -0.88 17.35 1.31
C GLY B 132 -1.19 17.42 -0.16
N ARG B 133 -0.35 18.13 -0.91
CA ARG B 133 -0.52 18.17 -2.36
C ARG B 133 -0.22 16.79 -2.94
N ASN B 134 -1.12 16.31 -3.79
CA ASN B 134 -1.05 14.96 -4.35
C ASN B 134 -1.16 13.84 -3.31
N SER B 135 -1.67 14.16 -2.13
CA SER B 135 -1.79 13.16 -1.06
C SER B 135 -3.01 12.27 -1.28
N THR B 136 -2.96 11.07 -0.71
CA THR B 136 -4.00 10.08 -0.90
C THR B 136 -4.29 9.33 0.39
N VAL B 137 -5.56 9.25 0.75
CA VAL B 137 -6.01 8.30 1.76
C VAL B 137 -7.05 7.41 1.09
N ALA B 138 -6.73 6.14 0.90
CA ALA B 138 -7.62 5.24 0.17
C ALA B 138 -8.92 4.96 0.92
N GLY B 139 -8.81 4.87 2.24
CA GLY B 139 -9.97 4.62 3.11
C GLY B 139 -9.55 4.42 4.55
N GLY B 140 -10.39 3.70 5.30
CA GLY B 140 -10.10 3.46 6.71
C GLY B 140 -10.68 4.54 7.59
N TYR B 141 -10.05 4.75 8.74
CA TYR B 141 -10.62 5.62 9.77
C TYR B 141 -9.57 6.48 10.44
N ASN B 142 -9.84 7.79 10.48
CA ASN B 142 -8.98 8.75 11.19
C ASN B 142 -7.53 8.74 10.69
N ASN B 143 -7.37 8.72 9.37
CA ASN B 143 -6.05 8.78 8.75
C ASN B 143 -5.74 10.17 8.24
N GLU B 144 -4.50 10.61 8.42
CA GLU B 144 -4.11 11.99 8.12
C GLU B 144 -2.82 12.05 7.30
N ALA B 145 -2.95 12.32 6.00
CA ALA B 145 -1.81 12.47 5.11
C ALA B 145 -1.57 13.94 4.80
N THR B 146 -0.45 14.47 5.27
CA THR B 146 -0.18 15.91 5.23
C THR B 146 0.96 16.27 4.29
N GLY B 147 1.85 15.32 4.04
CA GLY B 147 3.03 15.58 3.22
C GLY B 147 2.67 15.65 1.75
N THR B 148 3.48 16.37 0.98
CA THR B 148 3.38 16.33 -0.46
C THR B 148 3.65 14.90 -0.91
N ASP B 149 2.78 14.38 -1.78
CA ASP B 149 2.94 13.04 -2.36
C ASP B 149 2.84 11.92 -1.31
N SER B 150 2.24 12.21 -0.16
CA SER B 150 2.12 11.21 0.90
C SER B 150 0.95 10.25 0.65
N THR B 151 1.03 9.06 1.23
CA THR B 151 0.01 8.03 1.04
C THR B 151 -0.32 7.31 2.32
N ILE B 152 -1.62 7.15 2.58
CA ILE B 152 -2.08 6.20 3.56
C ILE B 152 -2.97 5.20 2.83
N ALA B 153 -2.49 3.95 2.78
CA ALA B 153 -3.17 2.89 2.05
C ALA B 153 -4.51 2.53 2.68
N GLY B 154 -4.58 2.63 4.02
CA GLY B 154 -5.80 2.29 4.75
C GLY B 154 -5.48 1.99 6.20
N GLY B 155 -6.48 1.49 6.91
CA GLY B 155 -6.32 1.19 8.34
C GLY B 155 -6.86 2.31 9.20
N ARG B 156 -6.35 2.40 10.43
CA ARG B 156 -6.87 3.35 11.40
C ARG B 156 -5.77 4.16 12.08
N LYS B 157 -6.00 5.47 12.20
CA LYS B 157 -5.17 6.37 13.02
C LYS B 157 -3.72 6.49 12.53
N ASN B 158 -3.55 6.52 11.21
CA ASN B 158 -2.23 6.69 10.62
C ASN B 158 -1.93 8.17 10.36
N GLN B 159 -0.65 8.48 10.30
CA GLN B 159 -0.18 9.80 9.91
C GLN B 159 0.92 9.67 8.88
N ALA B 160 0.87 10.53 7.88
CA ALA B 160 1.91 10.58 6.86
C ALA B 160 2.23 12.03 6.56
N THR B 161 3.04 12.64 7.42
CA THR B 161 3.36 14.05 7.31
C THR B 161 4.62 14.28 6.46
N GLY B 162 5.33 13.19 6.18
CA GLY B 162 6.56 13.26 5.39
C GLY B 162 6.30 13.43 3.91
N LYS B 163 7.25 14.07 3.23
CA LYS B 163 7.22 14.21 1.77
C LYS B 163 7.37 12.82 1.14
N GLY B 164 6.36 12.42 0.38
CA GLY B 164 6.36 11.12 -0.30
C GLY B 164 6.36 9.93 0.65
N SER B 165 5.87 10.14 1.86
CA SER B 165 5.83 9.09 2.87
C SER B 165 4.70 8.09 2.61
N PHE B 166 4.78 6.93 3.26
CA PHE B 166 3.79 5.88 3.09
C PHE B 166 3.47 5.18 4.40
N ALA B 167 2.18 5.05 4.70
CA ALA B 167 1.72 4.40 5.92
C ALA B 167 0.51 3.50 5.68
N ALA B 168 0.45 2.40 6.41
CA ALA B 168 -0.71 1.48 6.38
C ALA B 168 -0.75 0.63 7.65
N GLY B 169 -1.96 0.30 8.09
CA GLY B 169 -2.17 -0.48 9.30
C GLY B 169 -2.78 0.37 10.39
N ILE B 170 -2.39 0.10 11.63
CA ILE B 170 -2.94 0.82 12.78
C ILE B 170 -1.88 1.65 13.50
N ASP B 171 -2.14 2.95 13.59
CA ASP B 171 -1.41 3.88 14.45
C ASP B 171 0.05 4.11 14.05
N ASN B 172 0.28 4.30 12.75
CA ASN B 172 1.62 4.55 12.25
C ASN B 172 1.89 6.02 12.01
N LYS B 173 3.16 6.41 12.06
CA LYS B 173 3.55 7.77 11.74
C LYS B 173 4.72 7.75 10.75
N ALA B 174 4.39 7.94 9.48
CA ALA B 174 5.41 8.12 8.46
C ALA B 174 5.67 9.62 8.36
N ASN B 175 6.39 10.13 9.35
CA ASN B 175 6.48 11.57 9.59
C ASN B 175 7.87 12.16 9.37
N ALA B 176 8.52 11.69 8.33
CA ALA B 176 9.77 12.26 7.83
C ALA B 176 9.81 11.95 6.35
N ASP B 177 10.73 12.57 5.61
CA ASP B 177 10.74 12.41 4.17
C ASP B 177 11.06 10.98 3.75
N ASN B 178 10.25 10.47 2.81
CA ASN B 178 10.40 9.12 2.25
C ASN B 178 10.23 8.00 3.28
N ALA B 179 9.50 8.30 4.36
CA ALA B 179 9.31 7.36 5.45
C ALA B 179 8.31 6.27 5.07
N VAL B 180 8.65 5.02 5.42
CA VAL B 180 7.77 3.89 5.21
C VAL B 180 7.42 3.26 6.57
N ALA B 181 6.15 3.37 6.96
CA ALA B 181 5.67 2.77 8.21
C ALA B 181 4.55 1.77 7.92
N LEU B 182 4.86 0.49 8.12
CA LEU B 182 3.94 -0.59 7.77
CA LEU B 182 3.95 -0.61 7.77
C LEU B 182 3.64 -1.49 8.97
N GLY B 183 2.35 -1.67 9.25
CA GLY B 183 1.91 -2.53 10.33
C GLY B 183 1.26 -1.78 11.46
N ASN B 184 1.75 -2.02 12.68
CA ASN B 184 1.13 -1.49 13.88
C ASN B 184 2.10 -0.70 14.75
N LYS B 185 1.76 0.56 15.01
CA LYS B 185 2.54 1.44 15.90
C LYS B 185 4.01 1.62 15.47
N ASN B 186 4.23 1.92 14.20
CA ASN B 186 5.55 2.28 13.71
C ASN B 186 5.64 3.80 13.63
N THR B 187 6.60 4.37 14.36
CA THR B 187 6.78 5.82 14.39
C THR B 187 8.11 6.17 13.73
N ILE B 188 8.03 6.94 12.64
CA ILE B 188 9.23 7.36 11.95
C ILE B 188 9.27 8.88 11.84
N GLU B 189 10.31 9.46 12.42
CA GLU B 189 10.52 10.89 12.37
C GLU B 189 11.97 11.22 11.98
N GLY B 190 12.68 10.20 11.53
CA GLY B 190 14.02 10.35 10.97
C GLY B 190 14.03 10.15 9.47
N GLU B 191 14.80 10.96 8.76
CA GLU B 191 14.84 10.94 7.29
C GLU B 191 15.22 9.59 6.72
N ASN B 192 14.58 9.25 5.60
CA ASN B 192 14.89 8.06 4.82
C ASN B 192 15.02 6.79 5.68
N SER B 193 13.99 6.56 6.49
CA SER B 193 13.96 5.39 7.35
C SER B 193 12.74 4.53 7.08
N VAL B 194 12.81 3.27 7.49
CA VAL B 194 11.75 2.30 7.25
C VAL B 194 11.52 1.48 8.52
N ALA B 195 10.24 1.34 8.88
CA ALA B 195 9.84 0.43 9.97
C ALA B 195 8.68 -0.45 9.51
N ILE B 196 8.93 -1.75 9.44
CA ILE B 196 7.91 -2.72 9.09
C ILE B 196 7.75 -3.71 10.24
N GLY B 197 6.52 -3.85 10.73
CA GLY B 197 6.23 -4.71 11.87
C GLY B 197 5.35 -4.02 12.90
N SER B 198 5.78 -4.08 14.16
CA SER B 198 5.00 -3.56 15.29
C SER B 198 5.87 -2.86 16.32
N ASN B 199 5.36 -1.78 16.90
CA ASN B 199 6.03 -1.07 17.99
C ASN B 199 7.49 -0.74 17.71
N ASN B 200 7.71 0.13 16.74
CA ASN B 200 9.05 0.57 16.37
C ASN B 200 9.13 2.08 16.31
N THR B 201 10.22 2.64 16.82
CA THR B 201 10.39 4.09 16.80
C THR B 201 11.73 4.51 16.23
N VAL B 202 11.67 5.39 15.24
CA VAL B 202 12.85 6.06 14.71
C VAL B 202 12.67 7.54 14.96
N LYS B 203 13.44 8.07 15.90
CA LYS B 203 13.32 9.47 16.32
C LYS B 203 14.00 10.43 15.34
N LYS B 204 13.65 11.71 15.44
CA LYS B 204 14.30 12.76 14.67
C LYS B 204 15.80 12.74 14.96
N GLY B 205 16.61 12.78 13.89
CA GLY B 205 18.06 12.73 14.04
C GLY B 205 18.65 11.32 14.02
N GLN B 206 17.78 10.33 13.86
CA GLN B 206 18.20 8.96 13.56
C GLN B 206 17.89 8.73 12.09
N GLN B 207 18.89 8.89 11.24
CA GLN B 207 18.69 8.80 9.79
C GLN B 207 19.06 7.43 9.25
N ASN B 208 18.45 7.08 8.11
CA ASN B 208 18.77 5.85 7.39
C ASN B 208 18.73 4.59 8.25
N VAL B 209 17.66 4.46 9.02
CA VAL B 209 17.48 3.31 9.90
C VAL B 209 16.41 2.39 9.32
N PHE B 210 16.71 1.09 9.29
CA PHE B 210 15.78 0.13 8.71
C PHE B 210 15.39 -0.94 9.73
N ILE B 211 14.09 -1.07 9.97
CA ILE B 211 13.59 -2.02 10.93
C ILE B 211 12.59 -2.97 10.28
N LEU B 212 12.94 -4.24 10.26
CA LEU B 212 11.99 -5.29 9.97
C LEU B 212 11.93 -6.10 11.26
N GLY B 213 10.96 -5.77 12.10
CA GLY B 213 10.83 -6.40 13.40
C GLY B 213 9.71 -5.81 14.21
N SER B 214 9.68 -6.17 15.49
CA SER B 214 8.64 -5.70 16.41
C SER B 214 9.20 -5.52 17.81
N ASN B 215 8.63 -4.57 18.55
CA ASN B 215 9.06 -4.25 19.91
C ASN B 215 10.54 -3.95 20.05
N THR B 216 11.08 -3.21 19.09
CA THR B 216 12.50 -2.91 19.08
C THR B 216 12.86 -1.80 20.05
N ASP B 217 14.12 -1.80 20.50
CA ASP B 217 14.66 -0.74 21.35
C ASP B 217 15.71 0.03 20.55
N THR B 218 15.36 1.25 20.17
CA THR B 218 16.20 2.05 19.27
C THR B 218 16.90 3.21 19.98
N THR B 219 17.00 3.12 21.31
CA THR B 219 17.68 4.13 22.12
C THR B 219 19.12 4.35 21.67
N ASN B 220 19.83 3.26 21.43
CA ASN B 220 21.26 3.31 21.14
C ASN B 220 21.63 3.07 19.69
N ALA B 221 20.61 3.00 18.83
CA ALA B 221 20.84 2.84 17.39
C ALA B 221 21.33 4.15 16.78
N GLN B 222 22.50 4.09 16.16
CA GLN B 222 23.06 5.23 15.44
C GLN B 222 22.50 5.29 14.02
N ASN B 223 22.81 6.36 13.29
CA ASN B 223 22.44 6.47 11.88
C ASN B 223 23.00 5.32 11.06
N GLY B 224 22.15 4.77 10.19
CA GLY B 224 22.55 3.66 9.32
C GLY B 224 22.27 2.28 9.89
N SER B 225 21.73 2.23 11.10
CA SER B 225 21.44 0.96 11.77
C SER B 225 20.34 0.15 11.10
N VAL B 226 20.47 -1.18 11.18
CA VAL B 226 19.45 -2.11 10.73
C VAL B 226 19.06 -2.99 11.90
N LEU B 227 17.75 -3.09 12.16
CA LEU B 227 17.24 -3.92 13.25
C LEU B 227 16.30 -4.99 12.70
N LEU B 228 16.62 -6.24 13.01
CA LEU B 228 15.83 -7.36 12.54
C LEU B 228 15.26 -8.16 13.71
N GLY B 229 13.95 -8.33 13.72
CA GLY B 229 13.30 -9.28 14.63
C GLY B 229 12.53 -8.71 15.79
N HIS B 230 11.83 -9.60 16.48
CA HIS B 230 11.06 -9.26 17.66
C HIS B 230 12.02 -9.04 18.84
N ASN B 231 11.81 -7.94 19.58
CA ASN B 231 12.61 -7.57 20.77
C ASN B 231 14.07 -7.17 20.50
N THR B 232 14.38 -6.81 19.26
CA THR B 232 15.75 -6.49 18.88
C THR B 232 16.15 -5.08 19.33
N ALA B 233 17.36 -4.94 19.86
CA ALA B 233 17.86 -3.64 20.31
C ALA B 233 19.03 -3.14 19.46
N GLY B 234 19.06 -1.83 19.23
CA GLY B 234 20.18 -1.19 18.53
C GLY B 234 21.42 -1.09 19.41
N LYS B 235 22.58 -0.96 18.78
CA LYS B 235 23.85 -0.89 19.50
C LYS B 235 24.81 0.03 18.76
N ALA B 236 25.57 0.82 19.53
CA ALA B 236 26.56 1.74 18.95
C ALA B 236 27.73 0.95 18.35
N ALA B 237 28.17 1.38 17.17
CA ALA B 237 29.31 0.78 16.50
C ALA B 237 30.60 1.05 17.26
N THR B 238 31.44 0.03 17.39
CA THR B 238 32.74 0.17 18.04
C THR B 238 33.85 -0.15 17.07
N ILE B 239 34.94 0.63 17.13
CA ILE B 239 36.12 0.37 16.30
C ILE B 239 36.97 -0.71 16.96
N VAL B 240 37.21 -1.80 16.22
CA VAL B 240 37.99 -2.93 16.74
C VAL B 240 39.11 -3.30 15.75
N ASN B 241 40.24 -2.62 15.87
CA ASN B 241 41.41 -2.88 15.03
C ASN B 241 42.16 -4.11 15.50
N SER B 242 42.18 -4.31 16.81
CA SER B 242 42.94 -5.38 17.44
C SER B 242 42.28 -5.86 18.72
N ALA B 243 42.83 -6.92 19.30
CA ALA B 243 42.37 -7.44 20.59
C ALA B 243 43.53 -8.02 21.37
N GLU B 244 43.38 -8.12 22.69
CA GLU B 244 44.40 -8.73 23.54
C GLU B 244 43.82 -9.80 24.47
N VAL B 245 44.36 -11.00 24.37
CA VAL B 245 43.95 -12.13 25.22
C VAL B 245 45.14 -12.64 26.02
N GLY B 246 45.21 -12.21 27.28
CA GLY B 246 46.27 -12.63 28.20
C GLY B 246 47.68 -12.53 27.65
N GLY B 247 48.11 -11.32 27.33
CA GLY B 247 49.47 -11.08 26.83
C GLY B 247 49.63 -11.26 25.33
N LEU B 248 48.76 -12.08 24.74
CA LEU B 248 48.77 -12.31 23.30
C LEU B 248 47.91 -11.25 22.59
N SER B 249 48.51 -10.55 21.64
CA SER B 249 47.80 -9.54 20.87
C SER B 249 47.50 -10.01 19.45
N LEU B 250 46.29 -9.70 18.99
CA LEU B 250 45.85 -10.05 17.64
C LEU B 250 45.54 -8.77 16.88
N THR B 251 46.38 -8.45 15.90
CA THR B 251 46.28 -7.18 15.18
C THR B 251 45.94 -7.35 13.69
N GLY B 252 45.49 -6.26 13.07
CA GLY B 252 45.28 -6.22 11.62
C GLY B 252 43.89 -6.60 11.15
N PHE B 253 42.88 -6.37 12.00
CA PHE B 253 41.49 -6.70 11.66
C PHE B 253 40.99 -5.83 10.52
N ALA B 254 40.26 -6.44 9.61
CA ALA B 254 39.60 -5.71 8.53
C ALA B 254 38.19 -5.34 8.96
N GLY B 255 37.70 -4.21 8.45
CA GLY B 255 36.35 -3.75 8.76
C GLY B 255 36.24 -2.99 10.06
N ALA B 256 37.37 -2.55 10.59
CA ALA B 256 37.39 -1.65 11.75
C ALA B 256 37.14 -0.23 11.28
N SER B 257 35.92 -0.01 10.80
CA SER B 257 35.53 1.22 10.10
C SER B 257 35.55 2.47 10.98
N LYS B 258 36.19 3.51 10.48
CA LYS B 258 36.31 4.81 11.15
C LYS B 258 34.97 5.52 11.22
N THR B 259 34.21 5.42 10.12
CA THR B 259 32.89 6.05 10.00
C THR B 259 31.88 5.40 10.96
N GLY B 260 30.88 6.19 11.36
CA GLY B 260 29.79 5.66 12.18
C GLY B 260 28.65 5.19 11.30
N ASN B 261 28.71 3.92 10.88
CA ASN B 261 27.67 3.36 10.00
C ASN B 261 26.51 2.74 10.77
N GLY B 262 26.68 2.55 12.08
CA GLY B 262 25.71 1.81 12.86
C GLY B 262 25.96 0.32 12.73
N THR B 263 25.12 -0.48 13.37
CA THR B 263 25.31 -1.93 13.38
C THR B 263 24.03 -2.68 13.06
N VAL B 264 24.17 -3.81 12.37
CA VAL B 264 23.05 -4.70 12.12
C VAL B 264 22.82 -5.53 13.38
N SER B 265 21.63 -5.39 13.97
CA SER B 265 21.30 -6.09 15.19
C SER B 265 20.26 -7.19 14.94
N VAL B 266 20.46 -8.33 15.60
CA VAL B 266 19.55 -9.48 15.43
C VAL B 266 18.86 -9.91 16.73
N GLY B 267 19.14 -9.21 17.82
CA GLY B 267 18.52 -9.49 19.11
C GLY B 267 18.78 -8.40 20.13
N LYS B 268 18.76 -8.76 21.39
CA LYS B 268 19.15 -7.86 22.47
C LYS B 268 19.92 -8.62 23.54
N LYS B 269 20.51 -7.89 24.48
CA LYS B 269 21.28 -8.50 25.57
C LYS B 269 20.39 -9.44 26.38
N GLY B 270 20.79 -10.71 26.44
CA GLY B 270 20.01 -11.75 27.11
C GLY B 270 19.09 -12.53 26.19
N LYS B 271 18.78 -11.95 25.03
CA LYS B 271 17.91 -12.57 24.04
C LYS B 271 18.52 -12.49 22.64
N GLU B 272 19.74 -13.03 22.54
CA GLU B 272 20.50 -13.04 21.28
C GLU B 272 19.93 -14.10 20.33
N ARG B 273 20.18 -13.92 19.04
CA ARG B 273 19.74 -14.88 18.03
C ARG B 273 20.91 -15.50 17.27
N GLN B 274 20.82 -16.79 17.01
CA GLN B 274 21.78 -17.47 16.15
C GLN B 274 21.51 -17.07 14.70
N ILE B 275 22.58 -16.92 13.92
CA ILE B 275 22.43 -16.73 12.48
C ILE B 275 22.82 -18.04 11.81
N VAL B 276 21.87 -18.65 11.13
CA VAL B 276 22.05 -20.00 10.61
C VAL B 276 22.12 -20.06 9.08
N HIS B 277 22.66 -21.16 8.57
CA HIS B 277 22.88 -21.41 7.15
C HIS B 277 23.82 -20.38 6.51
N VAL B 278 24.90 -20.06 7.23
CA VAL B 278 25.91 -19.11 6.77
C VAL B 278 27.02 -19.85 6.02
N GLY B 279 27.25 -19.43 4.78
CA GLY B 279 28.33 -19.98 3.97
C GLY B 279 29.69 -19.64 4.55
N ALA B 280 30.66 -20.51 4.29
CA ALA B 280 32.04 -20.29 4.75
C ALA B 280 32.62 -19.04 4.08
N GLY B 281 33.15 -18.13 4.90
CA GLY B 281 33.73 -16.90 4.41
C GLY B 281 35.22 -17.00 4.17
N GLU B 282 35.74 -16.10 3.32
CA GLU B 282 37.18 -16.01 3.07
C GLU B 282 37.95 -15.91 4.37
N ILE B 283 39.05 -16.64 4.48
CA ILE B 283 39.95 -16.49 5.62
C ILE B 283 41.27 -15.87 5.12
N SER B 284 41.32 -14.55 5.19
CA SER B 284 42.50 -13.78 4.80
C SER B 284 42.56 -12.49 5.62
N ASP B 285 43.67 -11.76 5.51
CA ASP B 285 43.90 -10.58 6.35
C ASP B 285 43.05 -9.36 5.96
N THR B 286 42.40 -9.43 4.81
CA THR B 286 41.50 -8.36 4.36
C THR B 286 40.03 -8.80 4.35
N SER B 287 39.80 -10.06 4.73
CA SER B 287 38.46 -10.66 4.67
C SER B 287 37.47 -10.06 5.65
N THR B 288 36.35 -9.57 5.12
CA THR B 288 35.25 -9.08 5.93
C THR B 288 34.03 -9.99 5.81
N ASP B 289 34.25 -11.21 5.31
CA ASP B 289 33.21 -12.23 5.24
C ASP B 289 32.96 -12.78 6.63
N ALA B 290 31.70 -13.07 6.96
CA ALA B 290 31.38 -13.71 8.23
C ALA B 290 31.92 -15.14 8.26
N VAL B 291 32.15 -15.63 9.48
CA VAL B 291 32.74 -16.95 9.70
C VAL B 291 31.71 -17.90 10.31
N ASN B 292 31.64 -19.14 9.81
CA ASN B 292 30.75 -20.14 10.42
C ASN B 292 31.46 -21.14 11.35
N GLY B 293 30.65 -21.88 12.12
CA GLY B 293 31.14 -22.81 13.13
C GLY B 293 32.13 -23.87 12.67
N SER B 294 31.94 -24.37 11.44
CA SER B 294 32.84 -25.37 10.87
C SER B 294 34.24 -24.80 10.65
N GLN B 295 34.32 -23.51 10.37
CA GLN B 295 35.60 -22.83 10.16
C GLN B 295 36.35 -22.66 11.47
N LEU B 296 35.63 -22.27 12.52
CA LEU B 296 36.22 -22.18 13.85
C LEU B 296 36.60 -23.57 14.38
N HIS B 297 35.76 -24.56 14.11
CA HIS B 297 36.07 -25.95 14.45
C HIS B 297 37.38 -26.36 13.77
N ALA B 298 37.48 -26.13 12.46
CA ALA B 298 38.68 -26.48 11.70
C ALA B 298 39.95 -26.03 12.42
N LEU B 299 39.96 -24.79 12.89
CA LEU B 299 41.12 -24.26 13.62
C LEU B 299 41.30 -24.92 14.99
N ALA B 300 40.20 -25.13 15.70
CA ALA B 300 40.22 -25.79 17.01
C ALA B 300 40.77 -27.21 16.94
N THR B 301 40.48 -27.91 15.84
CA THR B 301 41.02 -29.25 15.57
C THR B 301 42.55 -29.24 15.63
N VAL B 302 43.16 -28.25 15.00
CA VAL B 302 44.61 -28.10 14.98
C VAL B 302 45.16 -27.83 16.39
N VAL B 303 44.38 -27.13 17.21
CA VAL B 303 44.77 -26.82 18.59
C VAL B 303 44.72 -28.05 19.52
N ALA B 304 44.54 -29.24 18.93
CA ALA B 304 44.76 -30.48 19.64
C ALA B 304 46.16 -31.03 19.36
N ALA C 13 -41.97 10.67 -28.77
CA ALA C 13 -42.79 11.38 -27.74
C ALA C 13 -42.70 10.73 -26.36
N THR C 14 -41.66 9.92 -26.16
CA THR C 14 -41.40 9.26 -24.88
C THR C 14 -40.31 10.00 -24.11
N ASN C 15 -39.69 10.98 -24.78
CA ASN C 15 -38.58 11.75 -24.22
C ASN C 15 -39.05 12.96 -23.44
N LYS C 16 -38.31 13.31 -22.39
CA LYS C 16 -38.54 14.54 -21.63
C LYS C 16 -37.36 15.49 -21.71
N ILE C 17 -37.28 16.23 -22.81
CA ILE C 17 -36.23 17.24 -22.97
C ILE C 17 -36.78 18.65 -22.78
N SER C 18 -36.08 19.43 -21.97
CA SER C 18 -36.50 20.79 -21.66
C SER C 18 -35.28 21.67 -21.35
N GLY C 19 -35.47 22.99 -21.43
CA GLY C 19 -34.43 23.93 -20.99
C GLY C 19 -33.90 24.87 -22.06
N GLY C 20 -33.29 24.30 -23.08
CA GLY C 20 -32.63 25.11 -24.11
C GLY C 20 -33.13 24.81 -25.51
N ASP C 21 -32.88 25.76 -26.41
CA ASP C 21 -33.28 25.63 -27.81
C ASP C 21 -32.44 24.61 -28.58
N ASN C 22 -31.27 24.30 -28.04
CA ASN C 22 -30.31 23.43 -28.73
C ASN C 22 -30.11 22.05 -28.09
N ASN C 23 -30.94 21.73 -27.11
CA ASN C 23 -30.98 20.39 -26.55
C ASN C 23 -31.67 19.44 -27.51
N THR C 24 -30.96 18.39 -27.92
CA THR C 24 -31.49 17.43 -28.90
C THR C 24 -31.60 16.02 -28.36
N ALA C 25 -32.67 15.33 -28.75
CA ALA C 25 -32.88 13.93 -28.39
C ALA C 25 -33.11 13.09 -29.64
N ASN C 26 -32.47 11.93 -29.67
CA ASN C 26 -32.57 11.02 -30.82
C ASN C 26 -32.69 9.58 -30.32
N GLY C 27 -33.87 9.23 -29.82
CA GLY C 27 -34.10 7.93 -29.22
C GLY C 27 -35.35 7.84 -28.38
N THR C 28 -35.37 6.88 -27.46
CA THR C 28 -36.55 6.57 -26.66
C THR C 28 -36.27 6.80 -25.17
N TYR C 29 -37.24 7.37 -24.47
CA TYR C 29 -37.17 7.65 -23.03
C TYR C 29 -35.89 8.38 -22.58
N LEU C 30 -35.44 9.32 -23.40
CA LEU C 30 -34.30 10.16 -23.07
C LEU C 30 -34.78 11.33 -22.21
N THR C 31 -33.87 11.89 -21.41
CA THR C 31 -34.20 13.06 -20.59
C THR C 31 -33.05 14.05 -20.50
N ILE C 32 -33.39 15.32 -20.70
CA ILE C 32 -32.46 16.42 -20.46
C ILE C 32 -33.15 17.39 -19.51
N GLY C 33 -32.57 17.55 -18.32
CA GLY C 33 -33.16 18.37 -17.26
C GLY C 33 -33.16 19.86 -17.53
N GLY C 34 -32.20 20.32 -18.33
CA GLY C 34 -32.08 21.73 -18.67
C GLY C 34 -30.75 22.08 -19.29
N GLY C 35 -30.30 23.31 -19.05
CA GLY C 35 -29.09 23.82 -19.68
C GLY C 35 -29.28 23.98 -21.17
N ASP C 36 -28.20 23.85 -21.94
CA ASP C 36 -28.27 24.00 -23.39
C ASP C 36 -27.19 23.21 -24.12
N TYR C 37 -27.45 22.91 -25.39
CA TYR C 37 -26.50 22.22 -26.30
C TYR C 37 -26.17 20.78 -25.89
N ASN C 38 -27.08 20.17 -25.14
CA ASN C 38 -26.93 18.79 -24.71
C ASN C 38 -27.55 17.81 -25.70
N LYS C 39 -26.82 16.75 -26.01
CA LYS C 39 -27.30 15.71 -26.93
C LYS C 39 -27.56 14.41 -26.19
N THR C 40 -28.67 13.75 -26.54
CA THR C 40 -28.93 12.39 -26.06
C THR C 40 -29.30 11.48 -27.22
N LYS C 41 -28.79 10.25 -27.16
CA LYS C 41 -29.09 9.22 -28.15
C LYS C 41 -29.33 7.90 -27.42
N GLY C 42 -29.87 6.92 -28.13
CA GLY C 42 -30.08 5.60 -27.57
C GLY C 42 -31.40 5.47 -26.82
N ARG C 43 -31.36 4.73 -25.72
CA ARG C 43 -32.55 4.52 -24.90
C ARG C 43 -32.25 4.70 -23.43
N TYR C 44 -33.14 5.41 -22.73
CA TYR C 44 -33.10 5.57 -21.27
C TYR C 44 -31.88 6.32 -20.74
N SER C 45 -31.31 7.19 -21.56
CA SER C 45 -30.17 8.00 -21.15
C SER C 45 -30.63 9.34 -20.57
N THR C 46 -29.78 9.95 -19.75
CA THR C 46 -30.16 11.12 -18.95
C THR C 46 -29.03 12.14 -18.83
N ILE C 47 -29.38 13.41 -19.02
CA ILE C 47 -28.49 14.53 -18.69
C ILE C 47 -29.24 15.46 -17.75
N GLY C 48 -28.71 15.66 -16.55
CA GLY C 48 -29.34 16.51 -15.54
C GLY C 48 -29.44 17.98 -15.94
N GLY C 49 -28.47 18.43 -16.72
CA GLY C 49 -28.40 19.82 -17.17
C GLY C 49 -26.96 20.15 -17.54
N GLY C 50 -26.63 21.43 -17.56
CA GLY C 50 -25.27 21.85 -17.89
C GLY C 50 -25.12 22.27 -19.33
N LEU C 51 -23.95 22.04 -19.91
CA LEU C 51 -23.60 22.58 -21.22
C LEU C 51 -22.77 21.62 -22.06
N PHE C 52 -23.23 21.38 -23.29
CA PHE C 52 -22.53 20.52 -24.27
C PHE C 52 -22.22 19.09 -23.79
N ASN C 53 -23.15 18.51 -23.06
CA ASN C 53 -23.01 17.13 -22.60
C ASN C 53 -23.62 16.15 -23.59
N GLU C 54 -22.91 15.06 -23.86
CA GLU C 54 -23.40 14.01 -24.76
C GLU C 54 -23.59 12.71 -23.99
N ALA C 55 -24.84 12.27 -23.88
CA ALA C 55 -25.14 10.96 -23.31
C ALA C 55 -25.80 10.08 -24.36
N THR C 56 -25.01 9.19 -24.96
CA THR C 56 -25.52 8.27 -25.96
C THR C 56 -25.58 6.85 -25.39
N ASN C 57 -25.97 5.89 -26.23
CA ASN C 57 -26.08 4.49 -25.84
C ASN C 57 -27.25 4.24 -24.90
N GLU C 58 -27.31 3.04 -24.33
CA GLU C 58 -28.41 2.67 -23.44
C GLU C 58 -28.03 2.84 -21.98
N TYR C 59 -28.92 3.50 -21.23
CA TYR C 59 -28.82 3.69 -19.77
C TYR C 59 -27.60 4.48 -19.29
N SER C 60 -27.10 5.39 -20.11
CA SER C 60 -25.98 6.25 -19.69
C SER C 60 -26.48 7.45 -18.88
N THR C 61 -25.56 8.11 -18.18
CA THR C 61 -25.89 9.13 -17.20
C THR C 61 -24.84 10.24 -17.16
N ILE C 62 -25.29 11.49 -17.28
CA ILE C 62 -24.45 12.64 -16.96
C ILE C 62 -25.19 13.52 -15.96
N GLY C 63 -24.59 13.71 -14.79
CA GLY C 63 -25.16 14.54 -13.73
C GLY C 63 -25.33 15.98 -14.17
N SER C 64 -24.25 16.58 -14.67
CA SER C 64 -24.24 17.94 -15.20
C SER C 64 -22.82 18.33 -15.62
N GLY C 65 -22.45 19.58 -15.38
CA GLY C 65 -21.16 20.12 -15.80
C GLY C 65 -21.13 20.44 -17.27
N GLY C 66 -19.94 20.42 -17.85
CA GLY C 66 -19.77 20.80 -19.25
C GLY C 66 -18.91 19.86 -20.07
N TYR C 67 -19.29 19.70 -21.34
CA TYR C 67 -18.47 19.01 -22.34
C TYR C 67 -18.14 17.56 -21.98
N ASN C 68 -19.02 16.94 -21.19
CA ASN C 68 -18.87 15.54 -20.81
C ASN C 68 -19.48 14.61 -21.84
N LYS C 69 -18.87 13.44 -22.01
CA LYS C 69 -19.35 12.47 -22.98
C LYS C 69 -19.49 11.08 -22.37
N ALA C 70 -20.73 10.67 -22.15
CA ALA C 70 -21.04 9.33 -21.70
C ALA C 70 -21.61 8.51 -22.85
N LYS C 71 -20.72 8.06 -23.72
CA LYS C 71 -21.05 7.02 -24.69
C LYS C 71 -20.88 5.71 -23.94
N GLY C 72 -21.24 4.58 -24.54
CA GLY C 72 -21.08 3.31 -23.82
C GLY C 72 -22.20 2.97 -22.85
N ARG C 73 -22.53 1.69 -22.80
CA ARG C 73 -23.70 1.18 -22.08
C ARG C 73 -23.52 1.27 -20.57
N TYR C 74 -24.51 1.86 -19.90
CA TYR C 74 -24.49 2.06 -18.44
C TYR C 74 -23.35 2.94 -17.93
N SER C 75 -22.91 3.88 -18.77
CA SER C 75 -21.87 4.85 -18.38
C SER C 75 -22.40 5.83 -17.36
N THR C 76 -21.48 6.42 -16.60
CA THR C 76 -21.83 7.43 -15.63
C THR C 76 -20.74 8.49 -15.54
N ILE C 77 -21.12 9.74 -15.71
CA ILE C 77 -20.27 10.87 -15.34
C ILE C 77 -21.06 11.72 -14.34
N GLY C 78 -20.55 11.83 -13.13
CA GLY C 78 -21.22 12.59 -12.07
C GLY C 78 -21.32 14.08 -12.36
N GLY C 79 -20.27 14.64 -12.96
CA GLY C 79 -20.20 16.06 -13.26
C GLY C 79 -18.80 16.46 -13.70
N GLY C 80 -18.43 17.71 -13.44
CA GLY C 80 -17.13 18.23 -13.85
C GLY C 80 -17.11 18.56 -15.33
N GLY C 81 -15.90 18.64 -15.90
CA GLY C 81 -15.75 19.04 -17.30
C GLY C 81 -14.85 18.15 -18.13
N TYR C 82 -15.23 17.99 -19.40
CA TYR C 82 -14.40 17.33 -20.43
C TYR C 82 -14.08 15.87 -20.11
N ASN C 83 -14.95 15.22 -19.37
CA ASN C 83 -14.79 13.80 -19.03
C ASN C 83 -15.38 12.92 -20.12
N GLU C 84 -14.79 11.75 -20.32
CA GLU C 84 -15.28 10.79 -21.29
C GLU C 84 -15.38 9.39 -20.70
N ALA C 85 -16.60 8.94 -20.47
CA ALA C 85 -16.86 7.57 -20.07
C ALA C 85 -17.32 6.82 -21.30
N THR C 86 -16.48 5.89 -21.75
CA THR C 86 -16.75 5.05 -22.90
C THR C 86 -16.74 3.62 -22.41
N ASN C 87 -17.47 2.74 -23.08
CA ASN C 87 -17.44 1.31 -22.73
C ASN C 87 -18.34 0.99 -21.54
N GLN C 88 -18.72 -0.28 -21.42
CA GLN C 88 -19.72 -0.74 -20.47
C GLN C 88 -19.38 -0.45 -19.01
N TYR C 89 -20.35 0.09 -18.29
CA TYR C 89 -20.28 0.29 -16.84
C TYR C 89 -19.12 1.18 -16.37
N SER C 90 -18.69 2.08 -17.24
CA SER C 90 -17.69 3.10 -16.89
C SER C 90 -18.24 4.05 -15.86
N THR C 91 -17.37 4.59 -15.03
CA THR C 91 -17.77 5.60 -14.06
C THR C 91 -16.69 6.66 -13.92
N ILE C 92 -17.10 7.92 -14.07
CA ILE C 92 -16.27 9.04 -13.68
C ILE C 92 -17.05 9.86 -12.67
N GLY C 93 -16.54 9.94 -11.44
CA GLY C 93 -17.19 10.71 -10.39
C GLY C 93 -17.33 12.18 -10.75
N GLY C 94 -16.26 12.73 -11.34
CA GLY C 94 -16.20 14.14 -11.71
C GLY C 94 -14.78 14.53 -12.05
N GLY C 95 -14.48 15.82 -12.00
CA GLY C 95 -13.14 16.32 -12.28
C GLY C 95 -12.93 16.84 -13.69
N ASP C 96 -11.66 16.94 -14.08
CA ASP C 96 -11.26 17.58 -15.33
C ASP C 96 -10.58 16.59 -16.27
N ASN C 97 -11.12 16.44 -17.48
CA ASN C 97 -10.48 15.67 -18.54
C ASN C 97 -10.11 14.23 -18.17
N ASN C 98 -11.02 13.54 -17.50
CA ASN C 98 -10.80 12.15 -17.18
C ASN C 98 -11.36 11.23 -18.26
N THR C 99 -10.68 10.11 -18.50
CA THR C 99 -11.09 9.16 -19.52
C THR C 99 -11.18 7.73 -18.96
N ALA C 100 -12.40 7.24 -18.81
CA ALA C 100 -12.62 5.86 -18.44
C ALA C 100 -13.14 5.11 -19.65
N LYS C 101 -12.26 4.34 -20.29
CA LYS C 101 -12.65 3.64 -21.51
C LYS C 101 -12.50 2.11 -21.44
N GLY C 102 -12.32 1.59 -20.23
CA GLY C 102 -12.32 0.15 -20.02
C GLY C 102 -13.66 -0.29 -19.49
N ARG C 103 -13.96 -1.59 -19.64
CA ARG C 103 -15.16 -2.17 -19.05
C ARG C 103 -15.07 -2.13 -17.54
N TYR C 104 -16.14 -1.67 -16.90
CA TYR C 104 -16.20 -1.54 -15.44
C TYR C 104 -15.07 -0.67 -14.87
N SER C 105 -14.51 0.22 -15.69
CA SER C 105 -13.44 1.09 -15.24
C SER C 105 -13.98 2.26 -14.41
N THR C 106 -13.14 2.80 -13.54
CA THR C 106 -13.57 3.80 -12.57
C THR C 106 -12.55 4.89 -12.40
N ILE C 107 -13.01 6.14 -12.43
CA ILE C 107 -12.19 7.26 -12.00
C ILE C 107 -12.99 8.08 -10.99
N GLY C 108 -12.51 8.10 -9.75
CA GLY C 108 -13.17 8.84 -8.67
C GLY C 108 -13.32 10.32 -8.99
N GLY C 109 -12.25 10.91 -9.52
CA GLY C 109 -12.21 12.33 -9.82
C GLY C 109 -10.80 12.77 -10.17
N GLY C 110 -10.50 14.04 -9.95
CA GLY C 110 -9.17 14.57 -10.24
C GLY C 110 -9.05 15.07 -11.66
N GLY C 111 -7.81 15.20 -12.14
CA GLY C 111 -7.55 15.76 -13.46
C GLY C 111 -6.68 14.90 -14.34
N TYR C 112 -7.12 14.74 -15.59
CA TYR C 112 -6.33 14.09 -16.64
C TYR C 112 -5.95 12.64 -16.30
N ASN C 113 -6.89 11.92 -15.71
CA ASN C 113 -6.68 10.52 -15.34
C ASN C 113 -7.24 9.58 -16.41
N GLU C 114 -6.64 8.40 -16.50
CA GLU C 114 -7.05 7.41 -17.50
C GLU C 114 -7.20 6.01 -16.89
N ALA C 115 -8.39 5.44 -17.01
CA ALA C 115 -8.63 4.04 -16.69
C ALA C 115 -9.09 3.34 -17.97
N THR C 116 -8.22 2.55 -18.56
CA THR C 116 -8.40 2.14 -19.96
C THR C 116 -8.73 0.66 -20.22
N ILE C 117 -8.55 -0.21 -19.23
CA ILE C 117 -8.89 -1.63 -19.40
C ILE C 117 -9.91 -2.13 -18.37
N GLU C 118 -10.41 -3.34 -18.59
CA GLU C 118 -11.35 -3.99 -17.70
C GLU C 118 -10.92 -3.91 -16.23
N ASN C 119 -11.85 -3.45 -15.39
CA ASN C 119 -11.70 -3.41 -13.93
C ASN C 119 -10.60 -2.49 -13.42
N SER C 120 -10.10 -1.60 -14.27
CA SER C 120 -9.07 -0.67 -13.82
C SER C 120 -9.69 0.49 -13.03
N THR C 121 -8.93 1.04 -12.09
CA THR C 121 -9.44 2.09 -11.21
C THR C 121 -8.42 3.20 -10.96
N VAL C 122 -8.90 4.43 -10.98
CA VAL C 122 -8.14 5.56 -10.51
C VAL C 122 -8.96 6.31 -9.46
N GLY C 123 -8.45 6.35 -8.23
CA GLY C 123 -9.15 6.98 -7.12
C GLY C 123 -9.30 8.48 -7.30
N GLY C 124 -8.26 9.12 -7.84
CA GLY C 124 -8.24 10.55 -8.04
C GLY C 124 -6.83 11.06 -8.33
N GLY C 125 -6.57 12.31 -7.97
CA GLY C 125 -5.26 12.92 -8.23
C GLY C 125 -5.12 13.36 -9.67
N GLY C 126 -3.88 13.53 -10.11
CA GLY C 126 -3.61 14.07 -11.44
C GLY C 126 -2.69 13.22 -12.29
N TYR C 127 -3.04 13.11 -13.58
CA TYR C 127 -2.22 12.45 -14.60
C TYR C 127 -1.87 10.99 -14.26
N ASN C 128 -2.83 10.31 -13.63
CA ASN C 128 -2.66 8.90 -13.29
C ASN C 128 -3.23 8.00 -14.37
N GLN C 129 -2.58 6.87 -14.59
CA GLN C 129 -2.97 5.94 -15.64
C GLN C 129 -3.05 4.51 -15.13
N ALA C 130 -4.27 3.96 -15.10
CA ALA C 130 -4.47 2.54 -14.85
C ALA C 130 -4.75 1.85 -16.18
N LYS C 131 -3.71 1.25 -16.75
CA LYS C 131 -3.74 0.70 -18.10
C LYS C 131 -3.71 -0.82 -18.12
N GLY C 132 -3.46 -1.42 -16.96
CA GLY C 132 -3.43 -2.88 -16.84
C GLY C 132 -4.78 -3.42 -16.44
N ARG C 133 -5.05 -4.68 -16.79
CA ARG C 133 -6.30 -5.29 -16.36
C ARG C 133 -6.27 -5.50 -14.84
N ASN C 134 -7.35 -5.07 -14.18
CA ASN C 134 -7.45 -5.09 -12.73
C ASN C 134 -6.43 -4.19 -12.02
N SER C 135 -5.86 -3.23 -12.76
CA SER C 135 -4.86 -2.34 -12.18
C SER C 135 -5.53 -1.22 -11.37
N THR C 136 -4.77 -0.65 -10.44
CA THR C 136 -5.29 0.35 -9.51
C THR C 136 -4.26 1.42 -9.25
N VAL C 137 -4.69 2.68 -9.40
CA VAL C 137 -3.92 3.80 -8.87
C VAL C 137 -4.86 4.50 -7.89
N ALA C 138 -4.54 4.45 -6.59
CA ALA C 138 -5.41 5.04 -5.59
C ALA C 138 -5.50 6.55 -5.70
N GLY C 139 -4.37 7.19 -6.01
CA GLY C 139 -4.29 8.64 -6.14
C GLY C 139 -2.86 9.11 -6.39
N GLY C 140 -2.59 10.36 -6.02
CA GLY C 140 -1.26 10.92 -6.24
C GLY C 140 -1.14 11.58 -7.60
N TYR C 141 0.07 11.60 -8.13
CA TYR C 141 0.36 12.38 -9.33
C TYR C 141 1.30 11.66 -10.27
N ASN C 142 0.89 11.56 -11.55
CA ASN C 142 1.72 11.00 -12.60
C ASN C 142 2.15 9.56 -12.31
N ASN C 143 1.20 8.76 -11.84
CA ASN C 143 1.45 7.34 -11.60
C ASN C 143 0.91 6.48 -12.73
N GLU C 144 1.65 5.45 -13.10
CA GLU C 144 1.32 4.63 -14.27
C GLU C 144 1.40 3.13 -13.96
N ALA C 145 0.23 2.51 -13.78
CA ALA C 145 0.15 1.08 -13.54
C ALA C 145 -0.29 0.35 -14.82
N THR C 146 0.61 -0.46 -15.38
CA THR C 146 0.41 -1.06 -16.70
C THR C 146 0.23 -2.57 -16.65
N GLY C 147 0.77 -3.20 -15.60
CA GLY C 147 0.73 -4.65 -15.49
C GLY C 147 -0.65 -5.13 -15.10
N THR C 148 -0.96 -6.37 -15.46
CA THR C 148 -2.16 -7.03 -14.96
C THR C 148 -2.05 -7.13 -13.43
N ASP C 149 -3.11 -6.74 -12.73
CA ASP C 149 -3.15 -6.83 -11.27
C ASP C 149 -2.12 -5.94 -10.57
N SER C 150 -1.62 -4.92 -11.27
CA SER C 150 -0.63 -4.02 -10.67
C SER C 150 -1.29 -2.95 -9.79
N THR C 151 -0.52 -2.42 -8.85
CA THR C 151 -1.02 -1.43 -7.91
C THR C 151 -0.03 -0.30 -7.69
N ILE C 152 -0.54 0.93 -7.72
CA ILE C 152 0.19 2.05 -7.18
C ILE C 152 -0.64 2.65 -6.06
N ALA C 153 -0.13 2.54 -4.85
CA ALA C 153 -0.84 2.98 -3.65
C ALA C 153 -1.03 4.50 -3.63
N GLY C 154 -0.06 5.22 -4.16
CA GLY C 154 -0.09 6.67 -4.19
C GLY C 154 1.31 7.24 -4.33
N GLY C 155 1.44 8.55 -4.18
CA GLY C 155 2.72 9.21 -4.35
C GLY C 155 2.84 9.83 -5.73
N ARG C 156 4.07 10.03 -6.19
CA ARG C 156 4.30 10.73 -7.45
C ARG C 156 5.29 9.98 -8.34
N LYS C 157 4.96 9.91 -9.63
CA LYS C 157 5.87 9.44 -10.68
C LYS C 157 6.28 7.98 -10.51
N ASN C 158 5.33 7.14 -10.11
CA ASN C 158 5.58 5.72 -9.97
C ASN C 158 5.21 4.97 -11.24
N GLN C 159 5.82 3.82 -11.43
CA GLN C 159 5.47 2.90 -12.50
C GLN C 159 5.31 1.50 -11.94
N ALA C 160 4.31 0.79 -12.42
CA ALA C 160 4.09 -0.60 -12.06
C ALA C 160 3.71 -1.37 -13.30
N THR C 161 4.71 -1.72 -14.10
CA THR C 161 4.48 -2.41 -15.36
C THR C 161 4.48 -3.92 -15.19
N GLY C 162 4.92 -4.39 -14.03
CA GLY C 162 4.98 -5.82 -13.74
C GLY C 162 3.63 -6.42 -13.42
N LYS C 163 3.47 -7.70 -13.73
CA LYS C 163 2.28 -8.48 -13.39
C LYS C 163 2.19 -8.58 -11.86
N GLY C 164 1.10 -8.07 -11.31
CA GLY C 164 0.87 -8.09 -9.86
C GLY C 164 1.88 -7.30 -9.04
N SER C 165 2.52 -6.31 -9.68
CA SER C 165 3.53 -5.49 -9.03
C SER C 165 2.91 -4.46 -8.10
N PHE C 166 3.72 -3.89 -7.22
CA PHE C 166 3.26 -2.90 -6.25
C PHE C 166 4.28 -1.79 -6.04
N ALA C 167 3.81 -0.56 -6.13
CA ALA C 167 4.65 0.63 -5.97
C ALA C 167 3.97 1.71 -5.13
N ALA C 168 4.77 2.42 -4.34
CA ALA C 168 4.31 3.57 -3.55
C ALA C 168 5.47 4.47 -3.16
N GLY C 169 5.19 5.77 -3.11
CA GLY C 169 6.22 6.77 -2.78
C GLY C 169 6.54 7.62 -3.99
N ILE C 170 7.80 8.02 -4.10
CA ILE C 170 8.22 8.88 -5.20
C ILE C 170 9.20 8.18 -6.14
N ASP C 171 8.82 8.12 -7.42
CA ASP C 171 9.72 7.73 -8.52
C ASP C 171 10.17 6.27 -8.48
N ASN C 172 9.25 5.37 -8.20
CA ASN C 172 9.55 3.94 -8.17
C ASN C 172 9.17 3.23 -9.45
N LYS C 173 9.86 2.14 -9.75
CA LYS C 173 9.53 1.30 -10.90
C LYS C 173 9.42 -0.15 -10.46
N ALA C 174 8.18 -0.60 -10.25
CA ALA C 174 7.91 -2.00 -9.99
C ALA C 174 7.64 -2.63 -11.36
N ASN C 175 8.72 -2.83 -12.11
CA ASN C 175 8.63 -3.15 -13.53
C ASN C 175 9.11 -4.54 -13.93
N ALA C 176 8.77 -5.51 -13.09
CA ALA C 176 8.96 -6.92 -13.35
C ALA C 176 7.88 -7.65 -12.56
N ASP C 177 7.69 -8.94 -12.85
CA ASP C 177 6.60 -9.67 -12.21
C ASP C 177 6.78 -9.78 -10.70
N ASN C 178 5.70 -9.47 -9.98
CA ASN C 178 5.64 -9.56 -8.52
C ASN C 178 6.62 -8.61 -7.80
N ALA C 179 6.97 -7.52 -8.49
CA ALA C 179 7.94 -6.57 -7.98
C ALA C 179 7.34 -5.68 -6.91
N VAL C 180 8.09 -5.46 -5.84
CA VAL C 180 7.67 -4.57 -4.77
C VAL C 180 8.67 -3.43 -4.63
N ALA C 181 8.23 -2.20 -4.96
CA ALA C 181 9.08 -1.01 -4.86
C ALA C 181 8.45 0.01 -3.92
N LEU C 182 9.06 0.19 -2.76
CA LEU C 182 8.52 1.01 -1.70
CA LEU C 182 8.52 1.01 -1.67
C LEU C 182 9.49 2.11 -1.26
N GLY C 183 9.01 3.35 -1.29
CA GLY C 183 9.81 4.49 -0.86
C GLY C 183 10.17 5.39 -2.01
N ASN C 184 11.46 5.71 -2.12
CA ASN C 184 11.95 6.71 -3.07
C ASN C 184 13.00 6.17 -4.03
N LYS C 185 12.73 6.25 -5.32
CA LYS C 185 13.67 5.87 -6.37
C LYS C 185 14.14 4.41 -6.30
N ASN C 186 13.20 3.49 -6.12
CA ASN C 186 13.47 2.06 -6.22
C ASN C 186 13.12 1.58 -7.61
N THR C 187 14.10 1.03 -8.32
CA THR C 187 13.90 0.53 -9.67
C THR C 187 14.06 -0.98 -9.69
N ILE C 188 12.98 -1.67 -10.05
CA ILE C 188 13.02 -3.13 -10.14
C ILE C 188 12.60 -3.59 -11.52
N GLU C 189 13.53 -4.27 -12.19
CA GLU C 189 13.28 -4.84 -13.50
C GLU C 189 13.73 -6.29 -13.56
N GLY C 190 14.04 -6.84 -12.39
CA GLY C 190 14.36 -8.24 -12.22
C GLY C 190 13.22 -8.97 -11.55
N GLU C 191 12.98 -10.18 -12.02
CA GLU C 191 11.87 -10.98 -11.59
C GLU C 191 11.87 -11.33 -10.10
N ASN C 192 10.68 -11.31 -9.48
CA ASN C 192 10.49 -11.64 -8.04
C ASN C 192 11.51 -10.98 -7.12
N SER C 193 11.60 -9.65 -7.21
CA SER C 193 12.54 -8.89 -6.40
C SER C 193 11.82 -7.80 -5.61
N VAL C 194 12.48 -7.33 -4.55
CA VAL C 194 11.90 -6.35 -3.64
C VAL C 194 12.95 -5.31 -3.29
N ALA C 195 12.55 -4.04 -3.38
CA ALA C 195 13.38 -2.93 -2.91
C ALA C 195 12.56 -1.99 -2.04
N ILE C 196 12.95 -1.91 -0.78
CA ILE C 196 12.30 -1.02 0.17
C ILE C 196 13.34 -0.05 0.73
N GLY C 197 13.09 1.25 0.58
CA GLY C 197 14.01 2.28 1.00
C GLY C 197 14.17 3.36 -0.04
N SER C 198 15.41 3.70 -0.36
CA SER C 198 15.73 4.79 -1.30
C SER C 198 16.89 4.43 -2.22
N ASN C 199 16.80 4.89 -3.47
CA ASN C 199 17.88 4.74 -4.46
C ASN C 199 18.43 3.32 -4.55
N ASN C 200 17.59 2.41 -5.03
CA ASN C 200 17.97 1.00 -5.21
C ASN C 200 17.61 0.53 -6.61
N THR C 201 18.51 -0.24 -7.21
CA THR C 201 18.27 -0.74 -8.56
C THR C 201 18.48 -2.24 -8.66
N VAL C 202 17.47 -2.92 -9.17
CA VAL C 202 17.56 -4.33 -9.52
C VAL C 202 17.32 -4.41 -11.03
N LYS C 203 18.38 -4.71 -11.77
CA LYS C 203 18.32 -4.73 -13.24
C LYS C 203 17.72 -6.03 -13.76
N LYS C 204 17.30 -6.01 -15.03
CA LYS C 204 16.83 -7.21 -15.71
C LYS C 204 17.92 -8.28 -15.67
N GLY C 205 17.53 -9.50 -15.29
CA GLY C 205 18.48 -10.60 -15.18
C GLY C 205 19.13 -10.73 -13.82
N GLN C 206 18.73 -9.85 -12.89
CA GLN C 206 19.06 -10.02 -11.48
C GLN C 206 17.77 -10.46 -10.80
N GLN C 207 17.63 -11.77 -10.58
CA GLN C 207 16.39 -12.32 -10.04
C GLN C 207 16.48 -12.56 -8.55
N ASN C 208 15.32 -12.59 -7.89
CA ASN C 208 15.22 -12.92 -6.46
C ASN C 208 16.15 -12.12 -5.56
N VAL C 209 16.20 -10.81 -5.77
CA VAL C 209 17.05 -9.93 -5.00
C VAL C 209 16.18 -9.13 -4.03
N PHE C 210 16.61 -9.06 -2.78
CA PHE C 210 15.86 -8.35 -1.75
C PHE C 210 16.69 -7.25 -1.12
N ILE C 211 16.17 -6.02 -1.18
CA ILE C 211 16.84 -4.86 -0.63
C ILE C 211 15.96 -4.16 0.39
N LEU C 212 16.45 -4.12 1.63
CA LEU C 212 15.92 -3.25 2.64
C LEU C 212 17.07 -2.32 2.99
N GLY C 213 17.11 -1.18 2.31
CA GLY C 213 18.22 -0.26 2.45
C GLY C 213 18.09 0.94 1.54
N SER C 214 19.16 1.72 1.46
CA SER C 214 19.17 2.92 0.64
C SER C 214 20.55 3.15 0.05
N ASN C 215 20.60 3.76 -1.13
CA ASN C 215 21.85 4.04 -1.84
C ASN C 215 22.74 2.83 -2.05
N THR C 216 22.12 1.71 -2.40
CA THR C 216 22.85 0.46 -2.56
C THR C 216 23.57 0.41 -3.90
N ASP C 217 24.64 -0.39 -3.95
CA ASP C 217 25.38 -0.65 -5.17
C ASP C 217 25.18 -2.11 -5.56
N THR C 218 24.39 -2.34 -6.61
CA THR C 218 23.98 -3.70 -7.00
C THR C 218 24.67 -4.18 -8.28
N THR C 219 25.80 -3.56 -8.62
CA THR C 219 26.60 -3.94 -9.78
C THR C 219 27.02 -5.41 -9.73
N ASN C 220 27.48 -5.84 -8.57
CA ASN C 220 28.06 -7.17 -8.40
C ASN C 220 27.17 -8.17 -7.67
N ALA C 221 25.93 -7.77 -7.41
CA ALA C 221 24.96 -8.65 -6.76
C ALA C 221 24.47 -9.70 -7.75
N GLN C 222 24.66 -10.97 -7.39
CA GLN C 222 24.15 -12.09 -8.20
C GLN C 222 22.71 -12.37 -7.81
N ASN C 223 22.06 -13.25 -8.57
CA ASN C 223 20.71 -13.72 -8.25
C ASN C 223 20.65 -14.30 -6.85
N GLY C 224 19.61 -13.93 -6.11
CA GLY C 224 19.40 -14.44 -4.75
C GLY C 224 19.99 -13.58 -3.65
N SER C 225 20.66 -12.49 -4.04
CA SER C 225 21.32 -11.59 -3.09
C SER C 225 20.34 -10.84 -2.19
N VAL C 226 20.78 -10.59 -0.96
CA VAL C 226 20.05 -9.76 -0.01
C VAL C 226 20.95 -8.61 0.40
N LEU C 227 20.44 -7.38 0.30
CA LEU C 227 21.19 -6.20 0.69
C LEU C 227 20.48 -5.45 1.79
N LEU C 228 21.19 -5.24 2.90
CA LEU C 228 20.63 -4.55 4.05
C LEU C 228 21.40 -3.28 4.37
N GLY C 229 20.70 -2.14 4.43
CA GLY C 229 21.27 -0.92 4.96
C GLY C 229 21.60 0.19 3.97
N HIS C 230 21.96 1.34 4.54
CA HIS C 230 22.38 2.50 3.77
C HIS C 230 23.78 2.26 3.24
N ASN C 231 24.01 2.55 1.96
CA ASN C 231 25.32 2.41 1.30
C ASN C 231 25.85 0.99 1.12
N THR C 232 24.97 0.00 1.19
CA THR C 232 25.37 -1.40 1.13
C THR C 232 25.62 -1.86 -0.30
N ALA C 233 26.70 -2.61 -0.51
CA ALA C 233 27.07 -3.10 -1.85
C ALA C 233 26.93 -4.62 -1.96
N GLY C 234 26.48 -5.09 -3.11
CA GLY C 234 26.42 -6.52 -3.39
C GLY C 234 27.80 -7.09 -3.65
N LYS C 235 27.93 -8.41 -3.49
CA LYS C 235 29.21 -9.10 -3.71
C LYS C 235 28.96 -10.49 -4.26
N ALA C 236 29.80 -10.90 -5.21
CA ALA C 236 29.72 -12.23 -5.79
C ALA C 236 30.09 -13.31 -4.77
N ALA C 237 29.32 -14.39 -4.76
CA ALA C 237 29.58 -15.53 -3.88
C ALA C 237 30.86 -16.26 -4.29
N THR C 238 31.67 -16.62 -3.30
CA THR C 238 32.89 -17.37 -3.54
C THR C 238 32.82 -18.72 -2.83
N ILE C 239 33.32 -19.76 -3.48
CA ILE C 239 33.39 -21.09 -2.87
C ILE C 239 34.65 -21.17 -2.00
N VAL C 240 34.46 -21.48 -0.73
CA VAL C 240 35.57 -21.57 0.22
C VAL C 240 35.51 -22.90 0.97
N ASN C 241 36.11 -23.92 0.39
CA ASN C 241 36.16 -25.25 1.00
C ASN C 241 37.24 -25.32 2.06
N SER C 242 38.33 -24.61 1.82
CA SER C 242 39.50 -24.64 2.69
C SER C 242 40.25 -23.31 2.66
N ALA C 243 41.27 -23.20 3.51
CA ALA C 243 42.14 -22.02 3.54
C ALA C 243 43.55 -22.42 3.93
N GLU C 244 44.52 -21.59 3.58
CA GLU C 244 45.92 -21.83 3.95
C GLU C 244 46.56 -20.61 4.60
N VAL C 245 47.08 -20.80 5.81
CA VAL C 245 47.76 -19.74 6.55
C VAL C 245 49.20 -20.17 6.86
N GLY C 246 50.13 -19.68 6.05
CA GLY C 246 51.56 -19.96 6.23
C GLY C 246 51.90 -21.42 6.43
N GLY C 247 51.62 -22.24 5.42
CA GLY C 247 51.95 -23.67 5.46
C GLY C 247 50.90 -24.54 6.14
N LEU C 248 50.12 -23.93 7.03
CA LEU C 248 49.03 -24.63 7.73
C LEU C 248 47.76 -24.56 6.90
N SER C 249 47.18 -25.72 6.60
CA SER C 249 45.94 -25.79 5.85
C SER C 249 44.76 -26.17 6.73
N LEU C 250 43.63 -25.49 6.49
CA LEU C 250 42.40 -25.74 7.23
C LEU C 250 41.33 -26.21 6.26
N THR C 251 40.96 -27.48 6.34
CA THR C 251 40.04 -28.10 5.38
C THR C 251 38.72 -28.54 6.00
N GLY C 252 37.72 -28.77 5.14
CA GLY C 252 36.45 -29.36 5.55
C GLY C 252 35.37 -28.37 5.96
N PHE C 253 35.42 -27.17 5.40
CA PHE C 253 34.43 -26.13 5.71
C PHE C 253 33.05 -26.52 5.22
N ALA C 254 32.04 -26.25 6.05
CA ALA C 254 30.65 -26.45 5.67
C ALA C 254 30.09 -25.17 5.07
N GLY C 255 29.16 -25.31 4.13
CA GLY C 255 28.53 -24.17 3.50
C GLY C 255 29.31 -23.59 2.33
N ALA C 256 30.29 -24.35 1.83
CA ALA C 256 31.01 -23.98 0.61
C ALA C 256 30.16 -24.39 -0.60
N SER C 257 29.03 -23.70 -0.74
CA SER C 257 27.99 -24.04 -1.70
C SER C 257 28.41 -23.91 -3.15
N LYS C 258 28.13 -24.96 -3.93
CA LYS C 258 28.44 -25.03 -5.35
C LYS C 258 27.56 -24.09 -6.15
N THR C 259 26.29 -24.01 -5.75
CA THR C 259 25.30 -23.14 -6.40
C THR C 259 25.62 -21.66 -6.20
N GLY C 260 25.17 -20.83 -7.15
CA GLY C 260 25.32 -19.39 -7.03
C GLY C 260 24.08 -18.79 -6.37
N ASN C 261 24.10 -18.76 -5.03
CA ASN C 261 22.97 -18.22 -4.24
C ASN C 261 23.02 -16.71 -4.06
N GLY C 262 24.19 -16.13 -4.28
CA GLY C 262 24.42 -14.73 -3.91
C GLY C 262 24.82 -14.64 -2.45
N THR C 263 25.03 -13.41 -1.97
CA THR C 263 25.48 -13.20 -0.60
C THR C 263 24.66 -12.13 0.11
N VAL C 264 24.43 -12.33 1.41
CA VAL C 264 23.80 -11.32 2.25
C VAL C 264 24.85 -10.27 2.59
N SER C 265 24.60 -9.02 2.18
CA SER C 265 25.54 -7.94 2.41
C SER C 265 25.01 -6.95 3.43
N VAL C 266 25.90 -6.49 4.32
CA VAL C 266 25.52 -5.55 5.38
C VAL C 266 26.26 -4.20 5.30
N GLY C 267 27.11 -4.04 4.30
CA GLY C 267 27.82 -2.79 4.10
C GLY C 267 28.51 -2.76 2.75
N LYS C 268 29.59 -1.99 2.68
CA LYS C 268 30.45 -1.97 1.50
C LYS C 268 31.91 -1.86 1.93
N LYS C 269 32.82 -2.03 0.98
CA LYS C 269 34.25 -1.95 1.24
C LYS C 269 34.61 -0.56 1.80
N GLY C 270 35.17 -0.55 3.01
CA GLY C 270 35.50 0.70 3.71
C GLY C 270 34.43 1.17 4.67
N LYS C 271 33.21 0.68 4.49
CA LYS C 271 32.06 1.04 5.33
C LYS C 271 31.30 -0.21 5.77
N GLU C 272 32.04 -1.13 6.39
CA GLU C 272 31.48 -2.39 6.88
C GLU C 272 30.66 -2.16 8.15
N ARG C 273 29.73 -3.08 8.42
CA ARG C 273 28.90 -3.00 9.62
C ARG C 273 29.11 -4.20 10.53
N GLN C 274 29.15 -3.94 11.84
CA GLN C 274 29.17 -5.01 12.83
C GLN C 274 27.79 -5.64 12.92
N ILE C 275 27.75 -6.95 13.11
CA ILE C 275 26.49 -7.63 13.40
C ILE C 275 26.47 -7.97 14.88
N VAL C 276 25.52 -7.39 15.60
CA VAL C 276 25.53 -7.47 17.06
C VAL C 276 24.39 -8.32 17.62
N HIS C 277 24.56 -8.74 18.87
CA HIS C 277 23.60 -9.60 19.59
C HIS C 277 23.41 -10.96 18.91
N VAL C 278 24.51 -11.54 18.46
CA VAL C 278 24.51 -12.84 17.79
C VAL C 278 24.71 -13.95 18.81
N GLY C 279 23.77 -14.89 18.85
CA GLY C 279 23.88 -16.06 19.71
C GLY C 279 25.03 -16.96 19.29
N ALA C 280 25.59 -17.66 20.28
CA ALA C 280 26.68 -18.60 20.02
C ALA C 280 26.21 -19.73 19.11
N GLY C 281 26.95 -19.96 18.04
CA GLY C 281 26.61 -21.00 17.09
C GLY C 281 27.30 -22.32 17.39
N GLU C 282 26.73 -23.41 16.86
CA GLU C 282 27.32 -24.74 16.98
C GLU C 282 28.76 -24.72 16.50
N ILE C 283 29.64 -25.38 17.23
CA ILE C 283 31.02 -25.57 16.78
C ILE C 283 31.26 -27.05 16.47
N SER C 284 31.04 -27.39 15.21
CA SER C 284 31.22 -28.75 14.71
C SER C 284 31.62 -28.69 13.23
N ASP C 285 31.97 -29.84 12.66
CA ASP C 285 32.50 -29.89 11.30
C ASP C 285 31.44 -29.70 10.21
N THR C 286 30.16 -29.74 10.61
CA THR C 286 29.05 -29.51 9.68
C THR C 286 28.32 -28.21 9.98
N SER C 287 28.76 -27.51 11.03
CA SER C 287 28.08 -26.30 11.52
C SER C 287 28.17 -25.12 10.55
N THR C 288 26.99 -24.62 10.16
CA THR C 288 26.89 -23.42 9.34
C THR C 288 26.31 -22.25 10.15
N ASP C 289 26.32 -22.38 11.48
CA ASP C 289 25.90 -21.30 12.37
C ASP C 289 26.99 -20.25 12.42
N ALA C 290 26.59 -18.98 12.50
CA ALA C 290 27.55 -17.89 12.65
C ALA C 290 28.21 -17.96 14.03
N VAL C 291 29.41 -17.39 14.12
CA VAL C 291 30.24 -17.43 15.31
C VAL C 291 30.34 -16.04 15.93
N ASN C 292 30.18 -15.93 17.25
CA ASN C 292 30.38 -14.65 17.94
C ASN C 292 31.75 -14.48 18.62
N GLY C 293 32.05 -13.26 19.02
CA GLY C 293 33.35 -12.88 19.59
C GLY C 293 33.79 -13.68 20.80
N SER C 294 32.83 -14.03 21.65
CA SER C 294 33.12 -14.82 22.86
C SER C 294 33.61 -16.22 22.52
N GLN C 295 33.14 -16.75 21.39
CA GLN C 295 33.55 -18.07 20.92
C GLN C 295 34.99 -18.04 20.39
N LEU C 296 35.32 -17.00 19.63
CA LEU C 296 36.68 -16.82 19.14
C LEU C 296 37.63 -16.51 20.31
N HIS C 297 37.16 -15.71 21.26
CA HIS C 297 37.92 -15.44 22.49
C HIS C 297 38.23 -16.74 23.21
N ALA C 298 37.21 -17.57 23.42
CA ALA C 298 37.37 -18.86 24.08
C ALA C 298 38.56 -19.64 23.54
N LEU C 299 38.66 -19.73 22.22
CA LEU C 299 39.77 -20.42 21.57
C LEU C 299 41.10 -19.69 21.75
N ALA C 300 41.09 -18.36 21.64
CA ALA C 300 42.28 -17.54 21.83
C ALA C 300 42.88 -17.68 23.24
N THR C 301 42.00 -17.85 24.23
CA THR C 301 42.40 -18.09 25.62
C THR C 301 43.32 -19.30 25.72
N VAL C 302 42.95 -20.37 25.04
CA VAL C 302 43.72 -21.61 25.00
C VAL C 302 45.08 -21.39 24.33
N VAL C 303 45.11 -20.49 23.34
CA VAL C 303 46.35 -20.19 22.62
C VAL C 303 47.35 -19.36 23.48
N ALA C 304 47.04 -19.22 24.77
CA ALA C 304 48.01 -18.70 25.74
C ALA C 304 48.72 -19.86 26.45
#